data_5Y1T
#
_entry.id   5Y1T
#
_cell.length_a   74.450
_cell.length_b   109.285
_cell.length_c   112.275
_cell.angle_alpha   90.000
_cell.angle_beta   90.000
_cell.angle_gamma   90.000
#
_symmetry.space_group_name_H-M   'P 21 21 21'
#
loop_
_entity.id
_entity.type
_entity.pdbx_description
1 polymer 'M1 family aminopeptidase'
2 non-polymer 'ZINC ION'
3 non-polymer 'MAGNESIUM ION'
4 non-polymer (2S)-2-[(2,3-dimethylphenyl)methylcarbamoylamino]-4-methyl-N-oxidanyl-pentanamide
5 non-polymer GLYCEROL
6 water water
#
_entity_poly.entity_id   1
_entity_poly.type   'polypeptide(L)'
_entity_poly.pdbx_seq_one_letter_code
;MGSSHHHHHHSSGLVPRGSHMASEPKIHYRKDYKPSGFIINNVTLNINIHDNETIVRSVLDMDISKHNVGEDLVFDGVGL
KINEISINNKKLVEGEEYTYDNEFLTIFSKFVPKSKFAFSSEVIIHPETNYALTGLYKSKNIIVSQCEATGFRRITFFID
RPDMMAKYDVTVTADKEKYPVLLSNGDKVNEFEIPGGRHGARFNDPHLKPCYLFAVVAGDLKHLSATYITKYTKKKVELY
VFSEEKYVSKLQWALECLKKSMAFDEDYFGLEYDLSRLNLVAVSDFNVGAMENKGLNIFNANSLLASKKNSIDFSYARIL
TVVGHEYFHNYTGNRVTLRDWFQLTLKEGLTVHRENLFSEEMTKTVTTRLSHVDLLRSVQFLEDSSPLSHPIRPESYVSM
ENFYTTTVYDKGSEVMRMYLTILGEEYYKKGFDIYIKKNDGNTATCEDFNYAMEQAYKMKKADNSANLNQYLLWFSQSGT
PHVSFKYNYDAEKKQYSIHVNQYTKPDENQKEKKPLFIPISVGLINPENGKEMISQTTLELTKESDTFVFNNIAVKPIPS
LFRGFSAPVYIEDNLTDEERILLLKYDSDAFVRYNSCTNIYMKQILMNYNEFLKAKNEKLESFNLTPVNAQFIDAIKYLL
EDPHADAGFKSYIVSLPQDRYIINFVSNLDTDVLADTKEYIYKQIGDKLNDVYYKMFKSLEAKADDLTYFNDESHVDFDQ
MNMRTLRNTLLSLLSKAQYPNILNEIIEHSKSPYPSNWLTSLSVSAYFDKYFELYDKTYKLSKDDELLLQEWLKTVSRSD
RKDIYEILKKLENEVLKDSKNPNDIRAVYLPFTNNLRRFHDISGKGYKLIAEVITKTDKFNPMVATQLCEPFKLWNKLDT
KRQELMLNEMNTMLQEPNISNNLKEYLLRLTNKL
;
_entity_poly.pdbx_strand_id   A
#
loop_
_chem_comp.id
_chem_comp.type
_chem_comp.name
_chem_comp.formula
E8G non-polymer (2S)-2-[(2,3-dimethylphenyl)methylcarbamoylamino]-4-methyl-N-oxidanyl-pentanamide 'C16 H25 N3 O3'
GOL non-polymer GLYCEROL 'C3 H8 O3'
MG non-polymer 'MAGNESIUM ION' 'Mg 2'
ZN non-polymer 'ZINC ION' 'Zn 2'
#
# COMPACT_ATOMS: atom_id res chain seq x y z
N PRO A 25 -7.00 9.02 -24.98
CA PRO A 25 -7.40 10.40 -24.62
C PRO A 25 -6.20 11.39 -24.51
N LYS A 26 -6.26 12.38 -23.61
CA LYS A 26 -5.14 13.33 -23.42
C LYS A 26 -3.91 12.73 -22.65
N ILE A 27 -2.79 12.54 -23.36
CA ILE A 27 -1.60 11.85 -22.82
C ILE A 27 -0.44 12.81 -22.47
N HIS A 28 -0.09 12.88 -21.18
CA HIS A 28 1.07 13.64 -20.68
C HIS A 28 2.35 12.75 -20.66
N TYR A 29 3.46 13.28 -21.18
CA TYR A 29 4.73 12.56 -21.31
C TYR A 29 5.80 13.18 -20.42
N ARG A 30 6.68 12.32 -19.89
CA ARG A 30 7.66 12.74 -18.88
C ARG A 30 8.66 13.68 -19.47
N LYS A 31 9.19 13.32 -20.64
CA LYS A 31 10.12 14.18 -21.43
C LYS A 31 9.64 15.63 -21.77
N ASP A 32 8.33 15.85 -21.75
CA ASP A 32 7.70 17.13 -22.06
C ASP A 32 7.65 18.08 -20.89
N TYR A 33 8.21 17.72 -19.72
CA TYR A 33 8.18 18.62 -18.56
C TYR A 33 8.79 20.01 -18.85
N LYS A 34 8.04 21.08 -18.60
CA LYS A 34 8.54 22.46 -18.72
C LYS A 34 8.07 23.29 -17.52
N PRO A 35 8.94 24.16 -16.97
CA PRO A 35 8.44 25.02 -15.89
C PRO A 35 7.32 25.96 -16.39
N SER A 36 6.46 26.39 -15.47
CA SER A 36 5.41 27.39 -15.80
C SER A 36 5.94 28.77 -16.19
N GLY A 37 5.12 29.45 -16.99
CA GLY A 37 5.28 30.86 -17.29
C GLY A 37 4.84 31.82 -16.22
N PHE A 38 4.21 31.27 -15.16
CA PHE A 38 3.66 32.00 -14.04
C PHE A 38 4.25 31.50 -12.71
N ILE A 39 4.09 32.31 -11.67
CA ILE A 39 4.44 31.95 -10.32
C ILE A 39 3.22 32.38 -9.52
N ILE A 40 2.79 31.52 -8.62
CA ILE A 40 1.84 31.85 -7.60
C ILE A 40 2.60 31.92 -6.28
N ASN A 41 2.64 33.12 -5.68
CA ASN A 41 3.35 33.37 -4.44
C ASN A 41 2.53 33.15 -3.18
N ASN A 42 1.33 33.66 -3.18
CA ASN A 42 0.46 33.58 -2.03
C ASN A 42 -0.97 33.24 -2.45
N VAL A 43 -1.65 32.49 -1.58
CA VAL A 43 -3.00 32.05 -1.81
C VAL A 43 -3.72 32.51 -0.56
N THR A 44 -4.78 33.27 -0.72
CA THR A 44 -5.62 33.75 0.40
C THR A 44 -7.06 33.28 0.15
N LEU A 45 -7.53 32.33 0.97
CA LEU A 45 -8.83 31.68 0.77
C LEU A 45 -9.79 32.09 1.84
N ASN A 46 -11.03 32.28 1.43
CA ASN A 46 -12.19 32.23 2.29
C ASN A 46 -13.11 31.10 1.81
N ILE A 47 -13.31 30.11 2.68
CA ILE A 47 -14.17 29.00 2.45
C ILE A 47 -15.39 29.08 3.39
N ASN A 48 -16.54 29.48 2.81
CA ASN A 48 -17.76 29.76 3.52
C ASN A 48 -18.72 28.61 3.29
N ILE A 49 -18.85 27.76 4.31
CA ILE A 49 -19.63 26.53 4.20
C ILE A 49 -21.04 26.83 4.62
N HIS A 50 -22.00 26.57 3.73
CA HIS A 50 -23.44 26.66 4.09
C HIS A 50 -24.13 25.30 3.85
N ASP A 51 -25.44 25.21 4.12
CA ASP A 51 -26.18 23.95 4.01
C ASP A 51 -26.18 23.34 2.61
N ASN A 52 -26.53 24.13 1.60
CA ASN A 52 -26.61 23.63 0.24
C ASN A 52 -25.57 24.18 -0.69
N GLU A 53 -24.56 24.86 -0.17
CA GLU A 53 -23.46 25.30 -1.01
C GLU A 53 -22.26 25.73 -0.19
N THR A 54 -21.08 25.58 -0.79
CA THR A 54 -19.88 26.19 -0.24
C THR A 54 -19.35 27.21 -1.25
N ILE A 55 -19.04 28.39 -0.72
CA ILE A 55 -18.56 29.52 -1.51
C ILE A 55 -17.08 29.66 -1.22
N VAL A 56 -16.29 29.68 -2.28
CA VAL A 56 -14.85 29.76 -2.13
C VAL A 56 -14.39 31.03 -2.79
N ARG A 57 -13.83 31.94 -1.96
CA ARG A 57 -13.30 33.15 -2.47
C ARG A 57 -11.77 33.00 -2.36
N SER A 58 -11.08 33.31 -3.45
CA SER A 58 -9.64 33.10 -3.54
C SER A 58 -8.88 34.24 -4.24
N VAL A 59 -7.88 34.78 -3.54
CA VAL A 59 -6.89 35.67 -4.13
C VAL A 59 -5.52 34.99 -4.34
N LEU A 60 -5.04 34.93 -5.59
CA LEU A 60 -3.71 34.45 -5.90
C LEU A 60 -2.79 35.67 -6.25
N ASP A 61 -1.74 35.88 -5.46
CA ASP A 61 -0.73 36.88 -5.71
C ASP A 61 0.29 36.23 -6.62
N MET A 62 0.28 36.65 -7.86
CA MET A 62 0.93 35.94 -8.94
C MET A 62 2.01 36.77 -9.56
N ASP A 63 2.82 36.17 -10.42
CA ASP A 63 3.80 36.92 -11.20
C ASP A 63 4.09 36.14 -12.45
N ILE A 64 4.82 36.74 -13.36
CA ILE A 64 5.24 36.05 -14.57
C ILE A 64 6.64 35.56 -14.30
N SER A 65 6.92 34.29 -14.64
CA SER A 65 8.27 33.72 -14.51
C SER A 65 9.22 34.13 -15.64
N LYS A 66 10.50 33.83 -15.39
CA LYS A 66 11.50 33.97 -16.47
C LYS A 66 11.24 33.09 -17.66
N HIS A 67 10.39 32.08 -17.54
CA HIS A 67 10.05 31.17 -18.64
C HIS A 67 8.89 31.65 -19.50
N ASN A 68 8.29 32.77 -19.12
CA ASN A 68 7.08 33.28 -19.78
C ASN A 68 7.39 33.77 -21.19
N VAL A 69 6.50 33.47 -22.14
CA VAL A 69 6.62 33.88 -23.56
C VAL A 69 5.31 34.55 -24.07
N GLY A 70 4.61 35.25 -23.17
CA GLY A 70 3.35 35.92 -23.55
C GLY A 70 2.14 35.02 -23.74
N GLU A 71 2.17 33.83 -23.16
CA GLU A 71 1.09 32.91 -23.34
C GLU A 71 -0.18 33.28 -22.54
N ASP A 72 -1.30 32.70 -22.99
CA ASP A 72 -2.54 32.69 -22.22
C ASP A 72 -2.26 32.15 -20.80
N LEU A 73 -2.95 32.70 -19.82
CA LEU A 73 -2.98 32.20 -18.47
C LEU A 73 -4.09 31.18 -18.32
N VAL A 74 -3.70 29.91 -18.08
CA VAL A 74 -4.67 28.78 -18.05
C VAL A 74 -4.64 28.15 -16.67
N PHE A 75 -5.79 28.16 -16.01
CA PHE A 75 -5.93 27.57 -14.69
C PHE A 75 -6.71 26.27 -14.87
N ASP A 76 -6.34 25.26 -14.09
CA ASP A 76 -7.23 24.14 -13.82
C ASP A 76 -8.40 24.54 -12.92
N GLY A 77 -9.59 24.04 -13.23
CA GLY A 77 -10.79 24.34 -12.45
C GLY A 77 -11.93 23.44 -12.88
N VAL A 78 -12.29 22.47 -12.05
CA VAL A 78 -13.16 21.40 -12.51
C VAL A 78 -14.48 21.48 -11.75
N GLY A 79 -15.56 21.61 -12.50
CA GLY A 79 -16.91 21.62 -11.94
C GLY A 79 -17.20 22.83 -11.07
N LEU A 80 -16.52 23.95 -11.33
CA LEU A 80 -16.71 25.14 -10.48
C LEU A 80 -17.80 26.05 -11.10
N LYS A 81 -18.61 26.68 -10.27
CA LYS A 81 -19.64 27.61 -10.76
C LYS A 81 -19.08 28.99 -10.42
N ILE A 82 -18.82 29.79 -11.45
CA ILE A 82 -18.11 31.04 -11.29
C ILE A 82 -19.13 32.09 -10.85
N ASN A 83 -18.85 32.79 -9.76
CA ASN A 83 -19.56 34.05 -9.39
C ASN A 83 -18.86 35.28 -9.95
N GLU A 84 -17.52 35.31 -9.85
CA GLU A 84 -16.76 36.45 -10.34
C GLU A 84 -15.30 36.12 -10.57
N ILE A 85 -14.74 36.78 -11.58
CA ILE A 85 -13.34 36.70 -11.95
C ILE A 85 -12.84 38.18 -12.05
N SER A 86 -11.70 38.49 -11.45
CA SER A 86 -11.00 39.75 -11.70
C SER A 86 -9.49 39.59 -11.61
N ILE A 87 -8.81 40.53 -12.27
CA ILE A 87 -7.35 40.67 -12.18
C ILE A 87 -7.14 42.12 -11.73
N ASN A 88 -6.38 42.35 -10.67
CA ASN A 88 -6.16 43.66 -10.11
C ASN A 88 -7.42 44.51 -10.02
N ASN A 89 -8.49 43.87 -9.52
CA ASN A 89 -9.79 44.48 -9.26
C ASN A 89 -10.54 44.84 -10.55
N LYS A 90 -10.04 44.44 -11.72
CA LYS A 90 -10.76 44.62 -13.00
C LYS A 90 -11.54 43.34 -13.32
N LYS A 91 -12.87 43.44 -13.32
CA LYS A 91 -13.75 42.30 -13.62
C LYS A 91 -13.48 41.77 -15.06
N LEU A 92 -13.36 40.44 -15.19
CA LEU A 92 -13.18 39.76 -16.48
C LEU A 92 -14.47 39.03 -16.79
N VAL A 93 -14.82 39.03 -18.06
CA VAL A 93 -16.10 38.61 -18.57
C VAL A 93 -15.95 37.41 -19.52
N GLU A 94 -16.81 36.40 -19.37
CA GLU A 94 -16.84 35.22 -20.18
C GLU A 94 -17.04 35.64 -21.60
N GLY A 95 -16.27 35.05 -22.52
CA GLY A 95 -16.44 35.31 -23.96
C GLY A 95 -15.66 36.53 -24.39
N GLU A 96 -15.17 37.32 -23.44
CA GLU A 96 -14.47 38.53 -23.76
C GLU A 96 -13.06 38.53 -23.27
N GLU A 97 -12.83 38.33 -21.96
CA GLU A 97 -11.46 38.21 -21.46
C GLU A 97 -11.08 36.76 -21.03
N TYR A 98 -12.07 35.88 -20.82
CA TYR A 98 -11.81 34.51 -20.48
C TYR A 98 -12.75 33.53 -21.14
N THR A 99 -12.36 32.26 -21.18
CA THR A 99 -13.35 31.16 -21.42
C THR A 99 -13.21 30.16 -20.31
N TYR A 100 -14.32 29.48 -19.99
CA TYR A 100 -14.34 28.36 -19.05
C TYR A 100 -15.20 27.23 -19.59
N ASP A 101 -14.64 26.03 -19.60
CA ASP A 101 -15.32 24.83 -20.20
C ASP A 101 -15.53 23.75 -19.18
N ASN A 102 -15.60 24.13 -17.91
CA ASN A 102 -15.74 23.17 -16.81
C ASN A 102 -14.52 22.34 -16.41
N GLU A 103 -13.39 22.62 -17.06
CA GLU A 103 -12.09 22.03 -16.80
C GLU A 103 -10.91 23.01 -16.73
N PHE A 104 -10.87 23.94 -17.66
CA PHE A 104 -9.82 24.94 -17.79
C PHE A 104 -10.41 26.34 -17.90
N LEU A 105 -9.87 27.27 -17.12
CA LEU A 105 -10.23 28.67 -17.27
C LEU A 105 -9.09 29.29 -18.01
N THR A 106 -9.38 29.86 -19.17
CA THR A 106 -8.33 30.53 -19.98
C THR A 106 -8.49 32.06 -19.93
N ILE A 107 -7.47 32.77 -19.45
CA ILE A 107 -7.41 34.20 -19.52
C ILE A 107 -6.57 34.53 -20.74
N PHE A 108 -7.17 35.19 -21.75
CA PHE A 108 -6.43 35.63 -22.92
C PHE A 108 -5.22 36.51 -22.59
N SER A 109 -4.08 36.26 -23.27
CA SER A 109 -2.79 36.91 -22.89
C SER A 109 -2.84 38.44 -22.85
N LYS A 110 -3.65 39.04 -23.71
CA LYS A 110 -3.90 40.50 -23.64
C LYS A 110 -4.25 41.05 -22.28
N PHE A 111 -4.98 40.25 -21.49
CA PHE A 111 -5.39 40.71 -20.15
C PHE A 111 -4.64 40.08 -19.01
N VAL A 112 -3.51 39.44 -19.30
CA VAL A 112 -2.58 38.90 -18.29
C VAL A 112 -1.48 39.93 -18.07
N PRO A 113 -1.34 40.44 -16.87
CA PRO A 113 -0.35 41.50 -16.75
C PRO A 113 1.08 41.02 -16.91
N LYS A 114 2.02 41.95 -17.05
CA LYS A 114 3.45 41.58 -17.24
C LYS A 114 4.34 41.70 -15.98
N SER A 115 3.74 41.96 -14.84
CA SER A 115 4.46 41.95 -13.60
C SER A 115 3.45 41.57 -12.50
N LYS A 116 3.92 41.53 -11.27
CA LYS A 116 3.11 41.15 -10.11
C LYS A 116 1.65 41.57 -10.25
N PHE A 117 0.74 40.64 -9.98
CA PHE A 117 -0.69 40.91 -10.08
C PHE A 117 -1.51 39.99 -9.17
N ALA A 118 -2.72 40.43 -8.84
CA ALA A 118 -3.65 39.70 -7.99
C ALA A 118 -4.77 39.11 -8.87
N PHE A 119 -4.91 37.77 -8.87
CA PHE A 119 -6.04 37.13 -9.52
C PHE A 119 -7.04 36.80 -8.44
N SER A 120 -8.29 37.22 -8.65
CA SER A 120 -9.39 36.98 -7.70
C SER A 120 -10.45 36.11 -8.41
N SER A 121 -10.94 35.09 -7.70
CA SER A 121 -12.12 34.35 -8.14
C SER A 121 -12.96 34.03 -6.95
N GLU A 122 -14.26 33.87 -7.24
CA GLU A 122 -15.21 33.35 -6.29
C GLU A 122 -16.00 32.32 -6.99
N VAL A 123 -16.08 31.13 -6.41
CA VAL A 123 -16.82 30.05 -7.05
C VAL A 123 -17.71 29.39 -6.00
N ILE A 124 -18.68 28.64 -6.49
CA ILE A 124 -19.59 27.80 -5.72
C ILE A 124 -19.34 26.28 -6.02
N ILE A 125 -19.28 25.50 -4.95
CA ILE A 125 -19.09 24.07 -4.97
C ILE A 125 -20.05 23.48 -3.96
N HIS A 126 -20.14 22.14 -4.00
CA HIS A 126 -21.21 21.37 -3.31
C HIS A 126 -20.65 20.12 -2.66
N PRO A 127 -19.97 20.30 -1.50
CA PRO A 127 -19.45 19.16 -0.73
C PRO A 127 -20.46 18.08 -0.50
N GLU A 128 -21.67 18.51 -0.23
CA GLU A 128 -22.79 17.60 0.09
C GLU A 128 -23.18 16.59 -1.04
N THR A 129 -22.86 16.88 -2.30
CA THR A 129 -23.14 15.95 -3.39
C THR A 129 -21.86 15.40 -4.02
N ASN A 130 -20.72 15.64 -3.39
CA ASN A 130 -19.47 15.18 -3.95
C ASN A 130 -19.19 13.74 -3.41
N TYR A 131 -19.62 12.75 -4.15
CA TYR A 131 -19.54 11.36 -3.73
C TYR A 131 -18.26 10.72 -4.22
N ALA A 132 -17.46 11.48 -4.97
CA ALA A 132 -16.21 11.02 -5.51
C ALA A 132 -15.07 11.14 -4.49
N LEU A 133 -15.29 11.89 -3.41
CA LEU A 133 -14.37 12.01 -2.28
C LEU A 133 -13.01 12.56 -2.69
N THR A 134 -13.07 13.45 -3.64
CA THR A 134 -11.93 14.19 -4.12
C THR A 134 -12.34 15.68 -4.29
N GLY A 135 -11.46 16.59 -3.92
CA GLY A 135 -11.88 17.99 -3.65
C GLY A 135 -12.47 18.18 -2.25
N LEU A 136 -13.49 19.03 -2.14
CA LEU A 136 -14.18 19.24 -0.88
C LEU A 136 -15.44 18.40 -0.85
N TYR A 137 -15.58 17.60 0.23
CA TYR A 137 -16.74 16.67 0.32
C TYR A 137 -17.21 16.51 1.74
N LYS A 138 -18.36 15.87 1.88
CA LYS A 138 -18.99 15.55 3.13
C LYS A 138 -18.90 14.06 3.46
N SER A 139 -18.29 13.72 4.58
CA SER A 139 -18.24 12.36 5.07
C SER A 139 -19.02 12.32 6.36
N LYS A 140 -20.17 11.71 6.30
CA LYS A 140 -21.14 11.73 7.38
C LYS A 140 -21.49 13.19 7.78
N ASN A 141 -21.13 13.64 8.98
CA ASN A 141 -21.36 15.05 9.32
C ASN A 141 -20.05 15.91 9.32
N ILE A 142 -19.01 15.44 8.63
CA ILE A 142 -17.74 16.13 8.56
C ILE A 142 -17.52 16.64 7.18
N ILE A 143 -17.20 17.93 7.07
CA ILE A 143 -16.73 18.48 5.79
C ILE A 143 -15.20 18.31 5.74
N VAL A 144 -14.72 17.70 4.66
CA VAL A 144 -13.30 17.34 4.54
C VAL A 144 -12.82 17.49 3.08
N SER A 145 -11.54 17.79 2.89
CA SER A 145 -10.90 17.83 1.57
C SER A 145 -9.96 16.67 1.31
N GLN A 146 -9.81 16.30 0.03
CA GLN A 146 -8.71 15.51 -0.43
C GLN A 146 -8.21 16.11 -1.74
N CYS A 147 -6.97 16.60 -1.75
CA CYS A 147 -6.46 17.33 -2.91
C CYS A 147 -5.42 16.57 -3.74
N GLU A 148 -4.63 15.65 -3.15
CA GLU A 148 -3.72 14.85 -3.96
C GLU A 148 -4.55 13.86 -4.81
N ALA A 149 -4.24 13.66 -6.07
CA ALA A 149 -3.27 14.44 -6.84
C ALA A 149 -3.82 15.76 -7.47
N THR A 150 -5.03 15.69 -8.01
CA THR A 150 -5.58 16.76 -8.80
C THR A 150 -6.96 17.19 -8.25
N GLY A 151 -7.13 17.12 -6.94
CA GLY A 151 -8.33 17.58 -6.30
C GLY A 151 -8.40 19.07 -5.98
N PHE A 152 -7.28 19.79 -5.82
CA PHE A 152 -7.41 21.24 -5.47
C PHE A 152 -8.26 21.99 -6.54
N ARG A 153 -8.10 21.62 -7.80
CA ARG A 153 -8.82 22.27 -8.89
C ARG A 153 -10.35 22.10 -8.82
N ARG A 154 -10.83 21.16 -7.98
CA ARG A 154 -12.24 20.96 -7.72
C ARG A 154 -12.75 21.83 -6.56
N ILE A 155 -11.85 22.55 -5.89
CA ILE A 155 -12.22 23.53 -4.87
C ILE A 155 -12.17 24.95 -5.43
N THR A 156 -11.06 25.32 -6.09
CA THR A 156 -10.87 26.61 -6.69
C THR A 156 -9.88 26.52 -7.89
N PHE A 157 -9.75 27.63 -8.61
CA PHE A 157 -8.83 27.68 -9.77
C PHE A 157 -7.39 27.68 -9.31
N PHE A 158 -6.55 26.95 -10.03
CA PHE A 158 -5.12 26.90 -9.72
C PHE A 158 -4.35 26.39 -10.90
N ILE A 159 -3.06 26.63 -10.94
CA ILE A 159 -2.18 25.89 -11.83
C ILE A 159 -1.83 24.65 -11.04
N ASP A 160 -2.62 23.61 -11.23
CA ASP A 160 -2.74 22.54 -10.25
C ASP A 160 -1.70 21.46 -10.56
N ARG A 161 -0.51 21.73 -10.08
CA ARG A 161 0.63 20.85 -10.31
C ARG A 161 1.70 21.15 -9.26
N PRO A 162 2.53 20.15 -8.93
CA PRO A 162 3.29 20.24 -7.69
C PRO A 162 4.51 21.17 -7.65
N ASP A 163 4.96 21.67 -8.81
CA ASP A 163 6.02 22.73 -8.83
C ASP A 163 5.48 24.17 -8.58
N MET A 164 4.16 24.32 -8.44
CA MET A 164 3.56 25.66 -8.17
C MET A 164 3.45 25.82 -6.70
N MET A 165 4.57 26.11 -6.09
CA MET A 165 4.64 26.21 -4.67
C MET A 165 4.30 27.62 -4.19
N ALA A 166 3.57 27.70 -3.07
CA ALA A 166 3.06 28.97 -2.53
C ALA A 166 2.75 28.90 -1.02
N LYS A 167 2.47 30.07 -0.43
CA LYS A 167 2.06 30.19 0.97
C LYS A 167 0.58 30.52 1.09
N TYR A 168 -0.08 29.91 2.08
CA TYR A 168 -1.50 29.83 2.14
C TYR A 168 -1.99 30.53 3.41
N ASP A 169 -2.98 31.41 3.25
CA ASP A 169 -3.68 32.10 4.32
C ASP A 169 -5.12 31.72 4.14
N VAL A 170 -5.67 30.95 5.10
CA VAL A 170 -6.97 30.27 4.89
C VAL A 170 -7.97 30.56 6.01
N THR A 171 -9.10 31.17 5.66
CA THR A 171 -10.22 31.40 6.55
C THR A 171 -11.33 30.43 6.20
N VAL A 172 -11.85 29.74 7.21
CA VAL A 172 -13.03 28.87 7.09
C VAL A 172 -14.14 29.44 7.95
N THR A 173 -15.35 29.53 7.40
CA THR A 173 -16.57 29.90 8.17
C THR A 173 -17.66 28.83 7.98
N ALA A 174 -18.49 28.68 9.01
CA ALA A 174 -19.58 27.73 9.02
C ALA A 174 -20.55 27.97 10.19
N ASP A 175 -21.65 27.23 10.17
CA ASP A 175 -22.59 27.20 11.29
C ASP A 175 -21.85 26.62 12.51
N LYS A 176 -21.93 27.32 13.62
CA LYS A 176 -21.22 26.99 14.81
C LYS A 176 -21.71 25.70 15.44
N GLU A 177 -23.03 25.51 15.49
CA GLU A 177 -23.56 24.32 16.14
C GLU A 177 -23.20 23.05 15.34
N LYS A 178 -23.40 23.07 14.03
CA LYS A 178 -23.10 21.93 13.17
C LYS A 178 -21.55 21.71 13.03
N TYR A 179 -20.79 22.80 12.96
CA TYR A 179 -19.36 22.70 12.64
C TYR A 179 -18.47 23.46 13.65
N PRO A 180 -18.46 23.05 14.95
CA PRO A 180 -17.63 23.80 15.90
C PRO A 180 -16.12 23.73 15.80
N VAL A 181 -15.55 22.68 15.19
CA VAL A 181 -14.09 22.55 15.00
C VAL A 181 -13.81 22.82 13.54
N LEU A 182 -12.99 23.85 13.32
CA LEU A 182 -12.55 24.30 12.00
C LEU A 182 -11.07 24.18 11.98
N LEU A 183 -10.53 23.57 10.93
CA LEU A 183 -9.12 23.28 10.80
C LEU A 183 -8.60 23.55 9.38
N SER A 184 -7.44 24.16 9.26
CA SER A 184 -6.73 24.14 7.95
C SER A 184 -5.26 24.07 8.25
N ASN A 185 -4.39 24.10 7.27
CA ASN A 185 -2.97 23.86 7.52
C ASN A 185 -2.32 24.98 8.35
N GLY A 186 -1.51 24.64 9.34
CA GLY A 186 -0.67 25.62 9.98
C GLY A 186 -1.25 26.18 11.28
N ASP A 187 -0.65 27.28 11.72
CA ASP A 187 -1.06 28.12 12.89
C ASP A 187 -2.45 28.66 12.80
N LYS A 188 -3.24 28.44 13.84
CA LYS A 188 -4.56 29.06 13.89
C LYS A 188 -4.32 30.49 14.42
N VAL A 189 -4.61 31.51 13.64
CA VAL A 189 -4.19 32.88 14.08
C VAL A 189 -5.32 33.74 14.59
N ASN A 190 -6.54 33.32 14.33
CA ASN A 190 -7.70 34.02 14.87
C ASN A 190 -8.92 33.09 14.80
N GLU A 191 -9.86 33.37 15.70
CA GLU A 191 -11.17 32.75 15.77
C GLU A 191 -12.17 33.87 16.04
N PHE A 192 -13.33 33.83 15.41
CA PHE A 192 -14.25 34.92 15.52
C PHE A 192 -15.66 34.46 15.29
N GLU A 193 -16.59 35.23 15.86
CA GLU A 193 -18.03 35.06 15.64
C GLU A 193 -18.54 35.88 14.47
N ILE A 194 -19.66 35.38 13.95
CA ILE A 194 -20.34 35.85 12.76
C ILE A 194 -21.83 35.84 13.07
N PRO A 195 -22.57 36.93 12.71
CA PRO A 195 -24.04 36.98 12.89
C PRO A 195 -24.74 35.79 12.24
N GLY A 196 -25.87 35.39 12.80
CA GLY A 196 -26.65 34.25 12.32
C GLY A 196 -26.18 32.88 12.78
N GLY A 197 -25.47 32.82 13.90
CA GLY A 197 -25.04 31.57 14.48
C GLY A 197 -23.83 30.90 13.77
N ARG A 198 -23.10 31.68 12.97
CA ARG A 198 -21.92 31.25 12.27
C ARG A 198 -20.64 31.55 13.06
N HIS A 199 -19.51 31.01 12.58
CA HIS A 199 -18.21 31.43 13.11
C HIS A 199 -17.07 31.11 12.16
N GLY A 200 -15.92 31.64 12.45
CA GLY A 200 -14.80 31.52 11.57
C GLY A 200 -13.49 31.28 12.23
N ALA A 201 -12.58 30.67 11.47
CA ALA A 201 -11.21 30.60 11.91
C ALA A 201 -10.26 30.83 10.79
N ARG A 202 -9.13 31.42 11.14
CA ARG A 202 -8.09 31.75 10.17
C ARG A 202 -6.80 31.03 10.47
N PHE A 203 -6.18 30.46 9.40
CA PHE A 203 -4.92 29.75 9.46
C PHE A 203 -3.84 30.36 8.58
N ASN A 204 -2.59 30.30 9.07
CA ASN A 204 -1.43 30.72 8.29
C ASN A 204 -0.44 29.56 8.28
N ASP A 205 -0.15 29.05 7.10
CA ASP A 205 0.83 28.00 6.94
C ASP A 205 2.09 28.62 6.35
N PRO A 206 3.15 28.75 7.20
CA PRO A 206 4.32 29.49 6.78
C PRO A 206 5.21 28.69 5.81
N HIS A 207 4.96 27.39 5.64
CA HIS A 207 5.77 26.62 4.70
C HIS A 207 5.19 26.65 3.27
N LEU A 208 6.04 27.09 2.31
CA LEU A 208 5.78 27.00 0.89
C LEU A 208 5.34 25.58 0.63
N LYS A 209 4.25 25.43 -0.11
CA LYS A 209 3.78 24.13 -0.51
C LYS A 209 3.07 24.10 -1.79
N PRO A 210 3.06 22.92 -2.44
CA PRO A 210 2.18 22.67 -3.57
C PRO A 210 0.74 22.56 -3.11
N CYS A 211 -0.23 22.75 -4.02
CA CYS A 211 -1.61 22.75 -3.62
C CYS A 211 -2.17 21.38 -3.24
N TYR A 212 -1.52 20.27 -3.64
CA TYR A 212 -2.05 18.97 -3.24
C TYR A 212 -1.92 18.71 -1.73
N LEU A 213 -1.13 19.54 -1.00
CA LEU A 213 -0.98 19.47 0.44
C LEU A 213 -1.88 20.45 1.23
N PHE A 214 -2.77 21.17 0.52
CA PHE A 214 -3.84 21.89 1.14
C PHE A 214 -4.87 20.94 1.73
N ALA A 215 -5.35 21.35 2.88
CA ALA A 215 -6.47 20.67 3.52
C ALA A 215 -7.30 21.56 4.42
N VAL A 216 -8.56 21.18 4.50
CA VAL A 216 -9.50 21.80 5.40
C VAL A 216 -10.48 20.76 5.95
N VAL A 217 -10.84 20.94 7.20
CA VAL A 217 -11.82 20.11 7.90
C VAL A 217 -12.73 21.01 8.76
N ALA A 218 -14.00 20.64 8.81
CA ALA A 218 -15.04 21.29 9.59
C ALA A 218 -15.98 20.21 10.13
N GLY A 219 -16.15 20.16 11.44
CA GLY A 219 -17.05 19.18 12.01
C GLY A 219 -17.21 19.30 13.49
N ASP A 220 -18.12 18.51 14.02
CA ASP A 220 -18.35 18.37 15.44
C ASP A 220 -17.39 17.28 15.95
N LEU A 221 -16.12 17.66 16.10
CA LEU A 221 -15.07 16.67 16.38
C LEU A 221 -14.60 16.71 17.83
N LYS A 222 -14.33 15.54 18.38
CA LYS A 222 -13.67 15.41 19.65
C LYS A 222 -12.25 14.98 19.44
N HIS A 223 -11.45 15.16 20.48
CA HIS A 223 -10.04 14.91 20.36
C HIS A 223 -9.42 14.38 21.64
N LEU A 224 -8.24 13.83 21.49
CA LEU A 224 -7.22 13.66 22.58
C LEU A 224 -6.00 14.45 22.17
N SER A 225 -5.16 14.83 23.13
CA SER A 225 -4.03 15.65 22.83
C SER A 225 -2.93 15.40 23.80
N ALA A 226 -1.73 15.79 23.37
CA ALA A 226 -0.52 15.64 24.17
C ALA A 226 0.52 16.58 23.66
N THR A 227 1.50 16.82 24.49
CA THR A 227 2.65 17.64 24.12
C THR A 227 3.88 16.75 23.88
N TYR A 228 4.55 17.00 22.76
CA TYR A 228 5.79 16.35 22.45
C TYR A 228 6.93 17.38 22.44
N ILE A 229 8.03 17.02 23.08
CA ILE A 229 9.21 17.90 23.06
C ILE A 229 10.24 17.33 22.10
N THR A 230 10.60 18.13 21.08
CA THR A 230 11.56 17.65 20.10
C THR A 230 12.93 17.41 20.74
N LYS A 231 13.66 16.49 20.14
CA LYS A 231 14.82 15.91 20.79
C LYS A 231 16.01 16.90 20.85
N TYR A 232 16.28 17.61 19.74
CA TYR A 232 17.49 18.46 19.57
C TYR A 232 17.18 19.91 19.88
N THR A 233 16.10 20.46 19.35
CA THR A 233 15.81 21.89 19.59
C THR A 233 14.88 22.10 20.78
N LYS A 234 14.33 21.03 21.35
CA LYS A 234 13.39 21.13 22.49
C LYS A 234 12.15 22.02 22.19
N LYS A 235 11.66 21.99 20.95
CA LYS A 235 10.41 22.68 20.53
C LYS A 235 9.19 21.95 21.11
N LYS A 236 8.22 22.72 21.62
CA LYS A 236 6.99 22.16 22.15
C LYS A 236 6.06 22.00 20.99
N VAL A 237 5.59 20.80 20.71
CA VAL A 237 4.57 20.55 19.65
C VAL A 237 3.30 19.98 20.27
N GLU A 238 2.15 20.58 19.96
CA GLU A 238 0.89 20.07 20.45
C GLU A 238 0.40 19.12 19.42
N LEU A 239 0.13 17.89 19.89
CA LEU A 239 -0.37 16.79 19.11
C LEU A 239 -1.85 16.63 19.44
N TYR A 240 -2.66 16.66 18.43
CA TYR A 240 -4.16 16.49 18.48
C TYR A 240 -4.59 15.33 17.48
N VAL A 241 -5.45 14.42 17.91
CA VAL A 241 -6.07 13.41 17.05
C VAL A 241 -7.56 13.60 17.27
N PHE A 242 -8.28 13.56 16.16
CA PHE A 242 -9.70 13.93 16.12
C PHE A 242 -10.56 12.84 15.51
N SER A 243 -11.77 12.69 16.03
CA SER A 243 -12.79 11.88 15.39
C SER A 243 -14.15 12.42 15.72
N GLU A 244 -15.16 11.88 15.05
CA GLU A 244 -16.55 12.04 15.56
C GLU A 244 -16.66 11.52 17.05
N GLU A 245 -17.60 12.10 17.76
CA GLU A 245 -17.84 11.87 19.17
C GLU A 245 -17.98 10.36 19.55
N LYS A 246 -18.81 9.64 18.80
CA LYS A 246 -19.02 8.21 19.01
C LYS A 246 -17.67 7.44 19.15
N TYR A 247 -16.60 7.82 18.41
CA TYR A 247 -15.42 7.01 18.41
C TYR A 247 -14.21 7.66 18.98
N VAL A 248 -14.40 8.69 19.81
CA VAL A 248 -13.27 9.35 20.49
C VAL A 248 -12.41 8.37 21.37
N SER A 249 -13.01 7.36 21.96
CA SER A 249 -12.26 6.39 22.76
C SER A 249 -11.37 5.45 21.91
N LYS A 250 -11.38 5.59 20.58
CA LYS A 250 -10.60 4.76 19.68
C LYS A 250 -9.37 5.50 19.14
N LEU A 251 -9.04 6.64 19.75
CA LEU A 251 -8.02 7.54 19.23
C LEU A 251 -6.64 7.33 19.89
N GLN A 252 -6.54 6.55 20.98
CA GLN A 252 -5.32 6.58 21.76
C GLN A 252 -4.10 5.91 21.09
N TRP A 253 -4.26 4.71 20.56
CA TRP A 253 -3.17 4.06 19.81
C TRP A 253 -2.61 4.96 18.71
N ALA A 254 -3.48 5.67 17.99
CA ALA A 254 -3.03 6.61 16.93
C ALA A 254 -2.07 7.66 17.46
N LEU A 255 -2.45 8.26 18.60
CA LEU A 255 -1.62 9.27 19.24
C LEU A 255 -0.32 8.71 19.70
N GLU A 256 -0.34 7.54 20.33
CA GLU A 256 0.90 6.90 20.66
C GLU A 256 1.75 6.59 19.42
N CYS A 257 1.16 6.11 18.35
CA CYS A 257 1.95 5.80 17.16
C CYS A 257 2.56 7.06 16.56
N LEU A 258 1.89 8.20 16.68
CA LEU A 258 2.47 9.47 16.25
C LEU A 258 3.70 9.82 17.09
N LYS A 259 3.59 9.72 18.42
CA LYS A 259 4.80 9.91 19.31
C LYS A 259 5.96 9.00 18.84
N LYS A 260 5.64 7.74 18.56
CA LYS A 260 6.67 6.80 18.06
C LYS A 260 7.31 7.18 16.75
N SER A 261 6.49 7.55 15.77
CA SER A 261 6.95 8.04 14.47
C SER A 261 7.86 9.28 14.62
N MET A 262 7.45 10.24 15.44
CA MET A 262 8.27 11.43 15.72
C MET A 262 9.64 11.03 16.28
N ALA A 263 9.64 10.18 17.32
CA ALA A 263 10.91 9.71 17.93
C ALA A 263 11.78 8.93 16.94
N PHE A 264 11.19 8.13 16.04
CA PHE A 264 11.97 7.40 15.09
C PHE A 264 12.62 8.31 14.10
N ASP A 265 11.88 9.29 13.58
CA ASP A 265 12.50 10.19 12.58
C ASP A 265 13.64 10.98 13.30
N GLU A 266 13.46 11.36 14.57
CA GLU A 266 14.57 12.03 15.33
C GLU A 266 15.73 11.06 15.45
N ASP A 267 15.46 9.83 15.89
CA ASP A 267 16.53 8.89 16.27
C ASP A 267 17.29 8.38 15.04
N TYR A 268 16.59 8.00 13.97
CA TYR A 268 17.32 7.41 12.84
C TYR A 268 17.86 8.48 11.89
N PHE A 269 17.04 9.46 11.56
CA PHE A 269 17.34 10.43 10.50
C PHE A 269 17.73 11.81 10.99
N GLY A 270 17.62 12.06 12.31
CA GLY A 270 17.84 13.40 12.85
C GLY A 270 16.79 14.44 12.46
N LEU A 271 15.56 14.01 12.17
CA LEU A 271 14.57 14.95 11.66
C LEU A 271 13.52 15.28 12.71
N GLU A 272 13.34 16.60 12.91
CA GLU A 272 12.37 17.19 13.85
C GLU A 272 11.19 17.75 13.17
N TYR A 273 10.03 17.62 13.79
CA TYR A 273 8.80 18.30 13.31
C TYR A 273 8.94 19.83 13.29
N ASP A 274 8.15 20.54 12.47
CA ASP A 274 8.50 21.94 12.11
C ASP A 274 7.33 22.96 12.15
N LEU A 275 6.20 22.57 12.79
CA LEU A 275 5.17 23.46 13.23
C LEU A 275 4.93 23.29 14.74
N SER A 276 4.16 24.21 15.31
CA SER A 276 3.81 24.20 16.74
C SER A 276 2.69 23.25 17.02
N ARG A 277 1.93 22.90 16.00
CA ARG A 277 0.85 21.99 16.14
C ARG A 277 0.81 20.98 14.98
N LEU A 278 0.46 19.72 15.30
CA LEU A 278 0.11 18.58 14.26
C LEU A 278 -1.22 17.88 14.53
N ASN A 279 -2.16 17.97 13.61
CA ASN A 279 -3.45 17.36 13.76
C ASN A 279 -3.55 16.10 12.88
N LEU A 280 -4.11 15.03 13.45
CA LEU A 280 -4.60 13.89 12.70
C LEU A 280 -6.12 13.81 12.82
N VAL A 281 -6.81 13.53 11.71
CA VAL A 281 -8.27 13.53 11.66
C VAL A 281 -8.77 12.26 10.98
N ALA A 282 -9.73 11.58 11.60
CA ALA A 282 -10.38 10.38 11.05
C ALA A 282 -11.70 10.78 10.40
N VAL A 283 -11.93 10.30 9.18
CA VAL A 283 -13.23 10.43 8.51
C VAL A 283 -13.65 9.09 7.99
N SER A 284 -14.97 8.86 7.93
CA SER A 284 -15.54 7.54 7.59
C SER A 284 -15.40 7.11 6.12
N ASP A 285 -15.43 8.11 5.24
CA ASP A 285 -15.47 7.98 3.78
C ASP A 285 -14.17 8.56 3.19
N PHE A 286 -13.27 7.68 2.80
CA PHE A 286 -11.97 8.04 2.27
C PHE A 286 -11.60 6.99 1.24
N ASN A 287 -11.03 7.45 0.14
CA ASN A 287 -10.73 6.53 -0.99
C ASN A 287 -9.60 5.59 -0.77
N VAL A 288 -8.63 6.04 0.02
CA VAL A 288 -7.42 5.25 0.31
C VAL A 288 -7.22 5.19 1.82
N GLY A 289 -5.99 5.03 2.29
CA GLY A 289 -5.63 5.02 3.72
C GLY A 289 -5.54 6.32 4.49
N ALA A 290 -4.75 7.26 4.00
CA ALA A 290 -4.60 8.57 4.61
C ALA A 290 -3.87 9.54 3.67
N MET A 291 -3.58 10.74 4.17
CA MET A 291 -3.01 11.82 3.38
C MET A 291 -2.18 12.76 4.25
N GLU A 292 -1.05 13.17 3.73
CA GLU A 292 0.00 13.88 4.48
C GLU A 292 -0.16 15.42 4.48
N ASN A 293 -1.39 15.96 4.48
CA ASN A 293 -1.52 17.43 4.35
C ASN A 293 -0.74 18.05 5.50
N LYS A 294 -0.05 19.16 5.20
CA LYS A 294 0.92 19.74 6.12
C LYS A 294 0.22 20.12 7.38
N GLY A 295 0.65 19.54 8.52
CA GLY A 295 0.07 19.84 9.82
C GLY A 295 -1.34 19.31 10.08
N LEU A 296 -1.94 18.67 9.09
CA LEU A 296 -3.34 18.27 9.11
C LEU A 296 -3.52 16.95 8.30
N ASN A 297 -2.99 15.87 8.83
CA ASN A 297 -3.05 14.57 8.19
C ASN A 297 -4.47 14.02 8.34
N ILE A 298 -5.06 13.56 7.23
CA ILE A 298 -6.46 13.10 7.22
C ILE A 298 -6.40 11.61 6.92
N PHE A 299 -7.19 10.81 7.65
CA PHE A 299 -7.14 9.33 7.60
C PHE A 299 -8.50 8.75 7.37
N ASN A 300 -8.56 7.73 6.53
CA ASN A 300 -9.60 6.75 6.60
C ASN A 300 -9.67 6.30 8.06
N ALA A 301 -10.87 6.29 8.64
CA ALA A 301 -11.05 5.88 10.00
C ALA A 301 -10.50 4.48 10.28
N ASN A 302 -10.55 3.59 9.30
CA ASN A 302 -9.94 2.25 9.45
C ASN A 302 -8.44 2.26 9.60
N SER A 303 -7.81 3.40 9.36
CA SER A 303 -6.33 3.49 9.50
C SER A 303 -5.90 4.48 10.57
N LEU A 304 -6.83 4.93 11.40
CA LEU A 304 -6.53 5.72 12.58
C LEU A 304 -7.23 5.19 13.86
N LEU A 305 -8.41 4.55 13.77
CA LEU A 305 -9.21 4.23 14.96
C LEU A 305 -9.20 2.75 15.33
N ALA A 306 -8.89 2.46 16.59
CA ALA A 306 -8.93 1.11 17.14
C ALA A 306 -9.24 1.13 18.63
N SER A 307 -9.87 0.05 19.08
CA SER A 307 -9.85 -0.32 20.53
C SER A 307 -9.81 -1.83 20.60
N LYS A 308 -9.23 -2.32 21.69
CA LYS A 308 -8.89 -3.73 21.75
C LYS A 308 -10.08 -4.62 21.80
N LYS A 309 -11.17 -4.11 22.35
CA LYS A 309 -12.37 -4.89 22.35
C LYS A 309 -13.21 -4.76 21.05
N ASN A 310 -12.88 -3.83 20.13
CA ASN A 310 -13.73 -3.62 18.92
C ASN A 310 -12.95 -3.59 17.60
N SER A 311 -11.69 -4.02 17.63
CA SER A 311 -10.86 -4.07 16.45
C SER A 311 -10.08 -5.37 16.48
N ILE A 312 -9.85 -5.94 15.29
CA ILE A 312 -8.88 -7.05 15.15
C ILE A 312 -7.47 -6.58 15.30
N ASP A 313 -6.60 -7.54 15.58
CA ASP A 313 -5.18 -7.30 15.83
C ASP A 313 -4.49 -6.49 14.65
N PHE A 314 -4.78 -6.89 13.42
CA PHE A 314 -4.17 -6.27 12.22
C PHE A 314 -4.45 -4.76 12.18
N SER A 315 -5.57 -4.28 12.74
CA SER A 315 -5.81 -2.83 12.85
C SER A 315 -4.70 -2.09 13.53
N TYR A 316 -4.08 -2.69 14.57
CA TYR A 316 -2.95 -2.03 15.29
C TYR A 316 -1.70 -1.85 14.43
N ALA A 317 -1.29 -2.89 13.71
CA ALA A 317 -0.25 -2.75 12.72
C ALA A 317 -0.56 -1.76 11.63
N ARG A 318 -1.77 -1.73 11.11
CA ARG A 318 -2.13 -0.83 10.02
C ARG A 318 -2.05 0.61 10.54
N ILE A 319 -2.52 0.87 11.75
CA ILE A 319 -2.53 2.24 12.24
C ILE A 319 -1.10 2.71 12.43
N LEU A 320 -0.27 1.85 12.97
CA LEU A 320 1.10 2.20 13.22
C LEU A 320 1.86 2.55 11.91
N THR A 321 1.66 1.75 10.88
CA THR A 321 2.34 1.98 9.60
C THR A 321 1.73 3.18 8.83
N VAL A 322 0.42 3.37 8.91
CA VAL A 322 -0.21 4.51 8.24
C VAL A 322 0.11 5.85 8.92
N VAL A 323 -0.05 5.91 10.23
CA VAL A 323 0.43 7.09 10.96
C VAL A 323 1.91 7.42 10.68
N GLY A 324 2.74 6.41 10.74
CA GLY A 324 4.12 6.51 10.38
C GLY A 324 4.29 7.09 9.00
N HIS A 325 3.63 6.49 8.02
CA HIS A 325 3.82 6.86 6.62
C HIS A 325 3.50 8.35 6.42
N GLU A 326 2.33 8.79 6.86
CA GLU A 326 1.98 10.21 6.77
C GLU A 326 2.93 11.16 7.50
N TYR A 327 3.46 10.72 8.66
CA TYR A 327 4.36 11.53 9.42
C TYR A 327 5.66 11.66 8.64
N PHE A 328 6.13 10.56 8.09
CA PHE A 328 7.41 10.58 7.36
C PHE A 328 7.38 11.40 6.09
N HIS A 329 6.21 11.49 5.46
CA HIS A 329 6.07 12.47 4.38
C HIS A 329 6.39 13.93 4.74
N ASN A 330 6.42 14.28 6.03
CA ASN A 330 6.62 15.69 6.37
C ASN A 330 7.96 16.18 5.83
N TYR A 331 8.98 15.31 5.84
CA TYR A 331 10.21 15.56 5.08
C TYR A 331 10.19 14.98 3.65
N THR A 332 9.88 13.69 3.50
CA THR A 332 9.92 13.06 2.19
C THR A 332 8.58 13.21 1.46
N GLY A 333 8.36 14.44 0.97
CA GLY A 333 7.16 14.80 0.23
C GLY A 333 6.70 16.22 0.45
N ASN A 334 6.80 16.66 1.70
CA ASN A 334 6.42 18.01 2.09
C ASN A 334 7.58 18.99 2.07
N ARG A 335 8.52 18.88 3.01
CA ARG A 335 9.68 19.74 2.95
C ARG A 335 10.56 19.57 1.70
N VAL A 336 10.63 18.38 1.14
CA VAL A 336 11.18 18.19 -0.18
C VAL A 336 10.01 17.58 -0.95
N THR A 337 9.50 18.30 -1.94
CA THR A 337 8.34 17.86 -2.72
C THR A 337 8.69 17.39 -4.15
N LEU A 338 7.67 17.23 -5.01
CA LEU A 338 7.93 16.71 -6.38
C LEU A 338 7.96 17.83 -7.39
N ARG A 339 8.90 17.71 -8.33
CA ARG A 339 8.91 18.57 -9.47
C ARG A 339 7.67 18.36 -10.34
N ASP A 340 7.25 17.12 -10.51
CA ASP A 340 6.14 16.74 -11.37
C ASP A 340 5.67 15.33 -10.92
N TRP A 341 4.51 14.92 -11.40
CA TRP A 341 3.93 13.67 -10.92
C TRP A 341 4.71 12.43 -11.38
N PHE A 342 5.57 12.57 -12.39
CA PHE A 342 6.33 11.43 -12.86
C PHE A 342 7.34 11.04 -11.78
N GLN A 343 7.67 11.97 -10.89
CA GLN A 343 8.55 11.70 -9.76
C GLN A 343 7.86 11.03 -8.51
N LEU A 344 6.60 10.60 -8.63
CA LEU A 344 5.84 10.17 -7.46
C LEU A 344 6.63 9.23 -6.54
N THR A 345 7.37 8.30 -7.14
CA THR A 345 8.09 7.26 -6.39
C THR A 345 9.12 7.86 -5.45
N LEU A 346 9.62 9.03 -5.82
CA LEU A 346 10.56 9.79 -4.98
C LEU A 346 10.03 10.12 -3.58
N LYS A 347 8.73 10.38 -3.50
CA LYS A 347 8.10 10.53 -2.20
C LYS A 347 7.46 9.26 -1.69
N GLU A 348 6.78 8.52 -2.54
CA GLU A 348 6.08 7.31 -2.06
C GLU A 348 6.97 6.13 -1.82
N GLY A 349 7.84 5.78 -2.78
CA GLY A 349 8.81 4.74 -2.54
C GLY A 349 9.71 4.99 -1.33
N LEU A 350 10.16 6.23 -1.20
CA LEU A 350 11.05 6.61 -0.13
C LEU A 350 10.30 6.68 1.19
N THR A 351 9.04 7.13 1.18
CA THR A 351 8.25 7.14 2.39
C THR A 351 7.83 5.70 2.82
N VAL A 352 7.54 4.82 1.84
CA VAL A 352 7.24 3.41 2.13
C VAL A 352 8.45 2.75 2.80
N HIS A 353 9.61 3.04 2.27
CA HIS A 353 10.86 2.56 2.87
C HIS A 353 11.05 3.07 4.28
N ARG A 354 10.82 4.37 4.50
CA ARG A 354 10.92 4.90 5.87
C ARG A 354 9.90 4.23 6.79
N GLU A 355 8.67 4.07 6.32
CA GLU A 355 7.61 3.43 7.07
C GLU A 355 7.96 1.97 7.45
N ASN A 356 8.60 1.26 6.52
CA ASN A 356 8.92 -0.18 6.73
C ASN A 356 10.07 -0.29 7.74
N LEU A 357 11.08 0.56 7.59
CA LEU A 357 12.10 0.70 8.62
C LEU A 357 11.49 0.97 9.99
N PHE A 358 10.59 1.95 10.05
CA PHE A 358 9.93 2.28 11.31
C PHE A 358 9.21 1.04 11.89
N SER A 359 8.48 0.36 11.01
CA SER A 359 7.64 -0.72 11.43
C SER A 359 8.44 -1.91 11.93
N GLU A 360 9.51 -2.27 11.21
CA GLU A 360 10.43 -3.31 11.62
C GLU A 360 11.00 -3.04 13.03
N GLU A 361 11.39 -1.79 13.29
CA GLU A 361 11.96 -1.38 14.60
C GLU A 361 10.95 -1.42 15.72
N MET A 362 9.71 -1.03 15.42
CA MET A 362 8.66 -0.91 16.46
C MET A 362 8.06 -2.27 16.80
N THR A 363 7.96 -3.17 15.79
CA THR A 363 7.41 -4.49 16.00
C THR A 363 8.40 -5.52 16.54
N LYS A 364 9.64 -5.46 16.06
CA LYS A 364 10.77 -6.38 16.36
C LYS A 364 10.43 -7.83 16.17
N THR A 365 9.65 -8.09 15.13
CA THR A 365 9.30 -9.44 14.72
C THR A 365 9.72 -9.64 13.26
N VAL A 366 10.31 -10.80 12.96
CA VAL A 366 10.79 -11.05 11.58
C VAL A 366 9.64 -11.07 10.55
N THR A 367 8.44 -11.40 11.01
CA THR A 367 7.26 -11.40 10.14
C THR A 367 6.95 -10.08 9.47
N THR A 368 7.42 -8.97 10.04
CA THR A 368 7.11 -7.66 9.49
C THR A 368 7.80 -7.50 8.14
N ARG A 369 9.10 -7.72 8.11
CA ARG A 369 9.81 -7.77 6.84
C ARG A 369 9.20 -8.80 5.89
N LEU A 370 8.85 -9.98 6.40
CA LEU A 370 8.33 -11.00 5.50
C LEU A 370 7.03 -10.57 4.84
N SER A 371 6.20 -9.89 5.61
CA SER A 371 4.94 -9.47 5.08
C SER A 371 5.09 -8.44 3.90
N HIS A 372 6.16 -7.64 3.91
CA HIS A 372 6.44 -6.66 2.87
C HIS A 372 6.88 -7.39 1.60
N VAL A 373 7.75 -8.40 1.77
CA VAL A 373 8.20 -9.29 0.69
C VAL A 373 7.00 -10.03 0.05
N ASP A 374 6.12 -10.56 0.88
CA ASP A 374 4.91 -11.28 0.47
C ASP A 374 4.04 -10.40 -0.41
N LEU A 375 3.84 -9.15 0.02
CA LEU A 375 3.01 -8.20 -0.74
C LEU A 375 3.63 -7.87 -2.10
N LEU A 376 4.92 -7.62 -2.10
CA LEU A 376 5.62 -7.34 -3.34
C LEU A 376 5.55 -8.54 -4.32
N ARG A 377 5.93 -9.71 -3.84
CA ARG A 377 6.03 -10.88 -4.71
C ARG A 377 4.70 -11.43 -5.18
N SER A 378 3.62 -11.09 -4.50
CA SER A 378 2.30 -11.48 -4.94
C SER A 378 1.81 -10.39 -5.87
N VAL A 379 1.41 -9.26 -5.27
CA VAL A 379 0.64 -8.23 -5.96
C VAL A 379 1.51 -7.45 -6.97
N GLN A 380 2.72 -7.08 -6.58
CA GLN A 380 3.55 -6.26 -7.46
C GLN A 380 4.15 -7.04 -8.60
N PHE A 381 4.64 -8.27 -8.33
CA PHE A 381 5.17 -9.11 -9.44
C PHE A 381 4.06 -9.40 -10.48
N LEU A 382 2.83 -9.62 -10.04
CA LEU A 382 1.71 -9.82 -10.93
C LEU A 382 1.50 -8.58 -11.82
N GLU A 383 1.45 -7.41 -11.20
CA GLU A 383 1.35 -6.16 -11.94
C GLU A 383 2.46 -6.01 -12.98
N ASP A 384 3.69 -6.25 -12.53
CA ASP A 384 4.84 -6.17 -13.40
C ASP A 384 4.94 -7.20 -14.54
N SER A 385 4.21 -8.32 -14.48
CA SER A 385 4.16 -9.20 -15.64
C SER A 385 2.82 -8.99 -16.45
N SER A 386 2.01 -7.99 -16.06
CA SER A 386 0.72 -7.72 -16.66
C SER A 386 0.91 -6.71 -17.78
N PRO A 387 -0.14 -6.50 -18.59
CA PRO A 387 -0.08 -5.40 -19.57
C PRO A 387 -0.03 -4.00 -18.92
N LEU A 388 -0.32 -3.90 -17.62
CA LEU A 388 -0.14 -2.64 -16.87
C LEU A 388 1.32 -2.35 -16.44
N SER A 389 2.23 -3.29 -16.68
CA SER A 389 3.62 -3.11 -16.31
C SER A 389 4.16 -1.72 -16.65
N HIS A 390 4.78 -1.07 -15.68
CA HIS A 390 5.45 0.24 -15.85
C HIS A 390 6.66 0.28 -14.97
N PRO A 391 7.63 1.16 -15.30
CA PRO A 391 8.71 1.39 -14.39
C PRO A 391 8.23 2.26 -13.22
N ILE A 392 9.03 2.31 -12.16
CA ILE A 392 8.66 3.06 -10.97
C ILE A 392 8.61 4.58 -11.23
N ARG A 393 9.30 5.06 -12.25
CA ARG A 393 9.05 6.41 -12.77
C ARG A 393 8.42 6.26 -14.15
N PRO A 394 7.07 6.27 -14.26
CA PRO A 394 6.44 6.12 -15.57
C PRO A 394 6.88 7.15 -16.63
N GLU A 395 6.69 6.81 -17.92
CA GLU A 395 6.89 7.73 -19.03
C GLU A 395 5.68 8.56 -19.45
N SER A 396 4.46 8.17 -19.06
CA SER A 396 3.26 8.85 -19.53
C SER A 396 2.08 8.44 -18.74
N TYR A 397 1.05 9.27 -18.73
CA TYR A 397 -0.21 8.96 -18.06
C TYR A 397 -1.37 9.75 -18.67
N VAL A 398 -2.58 9.28 -18.36
CA VAL A 398 -3.80 10.03 -18.63
C VAL A 398 -4.35 10.51 -17.30
N SER A 399 -4.74 9.60 -16.40
CA SER A 399 -5.11 9.97 -15.04
C SER A 399 -3.92 9.61 -14.14
N MET A 400 -3.36 10.62 -13.47
CA MET A 400 -2.22 10.39 -12.58
C MET A 400 -2.65 9.43 -11.47
N GLU A 401 -3.92 9.51 -11.15
CA GLU A 401 -4.57 8.64 -10.18
C GLU A 401 -4.29 7.11 -10.40
N ASN A 402 -4.11 6.69 -11.65
CA ASN A 402 -3.85 5.29 -11.98
C ASN A 402 -2.40 4.88 -11.78
N PHE A 403 -1.54 5.82 -11.40
CA PHE A 403 -0.15 5.47 -11.11
C PHE A 403 0.24 5.49 -9.61
N TYR A 404 -0.75 5.49 -8.75
CA TYR A 404 -0.53 5.20 -7.35
C TYR A 404 -0.61 3.67 -7.18
N THR A 405 0.48 3.02 -7.56
CA THR A 405 0.47 1.57 -7.78
C THR A 405 1.42 0.90 -6.84
N THR A 406 1.18 -0.38 -6.66
CA THR A 406 2.11 -1.19 -5.91
C THR A 406 3.51 -1.16 -6.54
N THR A 407 3.60 -0.95 -7.84
CA THR A 407 4.89 -0.70 -8.45
C THR A 407 5.57 0.57 -7.92
N VAL A 408 4.86 1.68 -8.01
CA VAL A 408 5.41 2.95 -7.57
C VAL A 408 5.70 2.89 -6.08
N TYR A 409 4.81 2.28 -5.32
CA TYR A 409 4.92 2.27 -3.87
C TYR A 409 5.92 1.20 -3.36
N ASP A 410 5.67 -0.06 -3.72
CA ASP A 410 6.36 -1.18 -3.09
C ASP A 410 7.64 -1.56 -3.78
N LYS A 411 7.65 -1.61 -5.12
CA LYS A 411 8.91 -1.77 -5.85
C LYS A 411 9.72 -0.49 -5.55
N GLY A 412 9.06 0.65 -5.62
CA GLY A 412 9.71 1.92 -5.25
C GLY A 412 10.44 1.80 -3.94
N SER A 413 9.80 1.22 -2.93
CA SER A 413 10.45 1.14 -1.60
C SER A 413 11.60 0.17 -1.59
N GLU A 414 11.50 -0.91 -2.39
CA GLU A 414 12.59 -1.88 -2.48
C GLU A 414 13.81 -1.28 -3.17
N VAL A 415 13.54 -0.45 -4.19
CA VAL A 415 14.58 0.26 -4.86
C VAL A 415 15.21 1.24 -3.87
N MET A 416 14.41 1.94 -3.08
CA MET A 416 14.96 2.90 -2.09
C MET A 416 15.72 2.17 -0.94
N ARG A 417 15.24 0.98 -0.58
CA ARG A 417 15.92 0.16 0.40
C ARG A 417 17.25 -0.42 -0.11
N MET A 418 17.39 -0.66 -1.40
CA MET A 418 18.67 -1.18 -1.92
C MET A 418 19.85 -0.24 -1.70
N TYR A 419 19.60 1.06 -1.73
CA TYR A 419 20.60 2.03 -1.35
C TYR A 419 21.16 1.78 0.09
N LEU A 420 20.28 1.53 1.05
CA LEU A 420 20.68 1.17 2.40
C LEU A 420 21.56 -0.12 2.39
N THR A 421 21.11 -1.16 1.68
CA THR A 421 21.87 -2.44 1.60
C THR A 421 23.25 -2.17 0.98
N ILE A 422 23.28 -1.44 -0.12
CA ILE A 422 24.54 -1.18 -0.81
C ILE A 422 25.49 -0.30 0.07
N LEU A 423 24.96 0.72 0.74
CA LEU A 423 25.83 1.69 1.44
C LEU A 423 26.20 1.37 2.90
N GLY A 424 25.37 0.56 3.55
CA GLY A 424 25.37 0.40 4.98
C GLY A 424 24.71 1.58 5.65
N GLU A 425 24.47 1.41 6.93
CA GLU A 425 23.67 2.30 7.73
C GLU A 425 24.27 3.71 7.78
N GLU A 426 25.61 3.83 7.98
CA GLU A 426 26.17 5.14 8.28
C GLU A 426 26.30 5.95 6.99
N TYR A 427 26.75 5.32 5.91
CA TYR A 427 26.85 6.01 4.64
C TYR A 427 25.43 6.21 4.04
N TYR A 428 24.47 5.34 4.35
CA TYR A 428 23.06 5.61 3.92
C TYR A 428 22.56 6.92 4.58
N LYS A 429 22.77 7.08 5.88
CA LYS A 429 22.26 8.27 6.60
C LYS A 429 22.95 9.49 6.10
N LYS A 430 24.22 9.37 5.73
CA LYS A 430 24.93 10.51 5.08
C LYS A 430 24.34 10.92 3.73
N GLY A 431 24.12 9.96 2.86
CA GLY A 431 23.53 10.30 1.56
C GLY A 431 22.13 10.87 1.68
N PHE A 432 21.33 10.26 2.55
CA PHE A 432 19.94 10.77 2.85
C PHE A 432 20.01 12.23 3.35
N ASP A 433 20.94 12.52 4.25
CA ASP A 433 21.06 13.90 4.78
C ASP A 433 21.43 14.90 3.68
N ILE A 434 22.38 14.56 2.79
CA ILE A 434 22.71 15.38 1.60
C ILE A 434 21.45 15.71 0.78
N TYR A 435 20.63 14.69 0.53
CA TYR A 435 19.38 14.83 -0.20
C TYR A 435 18.47 15.80 0.50
N ILE A 436 18.26 15.59 1.79
CA ILE A 436 17.15 16.28 2.41
C ILE A 436 17.54 17.75 2.68
N LYS A 437 18.82 17.99 2.87
CA LYS A 437 19.37 19.31 3.13
C LYS A 437 19.37 20.14 1.85
N LYS A 438 20.05 19.61 0.82
CA LYS A 438 20.16 20.29 -0.47
C LYS A 438 18.80 20.74 -1.02
N ASN A 439 17.75 19.91 -0.91
CA ASN A 439 16.48 20.15 -1.61
C ASN A 439 15.36 20.65 -0.68
N ASP A 440 15.71 20.94 0.57
CA ASP A 440 14.75 21.52 1.51
C ASP A 440 14.05 22.77 0.99
N GLY A 441 12.74 22.77 1.12
CA GLY A 441 11.90 23.93 0.75
C GLY A 441 11.64 23.98 -0.74
N ASN A 442 11.89 22.86 -1.43
CA ASN A 442 11.89 22.85 -2.89
C ASN A 442 11.38 21.56 -3.46
N THR A 443 11.30 21.53 -4.78
CA THR A 443 10.94 20.35 -5.54
C THR A 443 12.17 19.54 -5.79
N ALA A 444 12.01 18.27 -6.11
CA ALA A 444 13.14 17.42 -6.42
C ALA A 444 12.71 16.38 -7.46
N THR A 445 13.72 15.70 -8.01
CA THR A 445 13.50 14.62 -8.98
C THR A 445 14.22 13.36 -8.51
N CYS A 446 13.88 12.21 -9.12
CA CYS A 446 14.61 10.95 -8.80
C CYS A 446 16.12 11.05 -8.94
N GLU A 447 16.58 11.79 -9.96
CA GLU A 447 18.00 12.06 -10.23
C GLU A 447 18.64 12.73 -9.04
N ASP A 448 17.95 13.68 -8.41
CA ASP A 448 18.53 14.34 -7.24
C ASP A 448 18.79 13.33 -6.13
N PHE A 449 17.88 12.39 -5.94
CA PHE A 449 18.12 11.40 -4.89
C PHE A 449 19.29 10.48 -5.20
N ASN A 450 19.34 9.99 -6.43
CA ASN A 450 20.45 9.13 -6.86
C ASN A 450 21.82 9.86 -6.76
N TYR A 451 21.84 11.15 -7.11
CA TYR A 451 23.00 12.03 -6.99
C TYR A 451 23.49 12.04 -5.57
N ALA A 452 22.57 12.23 -4.61
CA ALA A 452 22.94 12.22 -3.18
C ALA A 452 23.51 10.89 -2.69
N MET A 453 22.84 9.81 -3.08
CA MET A 453 23.32 8.46 -2.75
C MET A 453 24.70 8.23 -3.41
N GLU A 454 24.86 8.73 -4.63
CA GLU A 454 26.15 8.61 -5.32
C GLU A 454 27.27 9.32 -4.57
N GLN A 455 26.99 10.49 -3.97
CA GLN A 455 28.03 11.14 -3.12
C GLN A 455 28.49 10.27 -1.96
N ALA A 456 27.53 9.71 -1.20
CA ALA A 456 27.78 8.68 -0.15
C ALA A 456 28.56 7.47 -0.67
N TYR A 457 28.21 7.01 -1.86
CA TYR A 457 28.87 5.86 -2.45
C TYR A 457 30.37 6.11 -2.76
N LYS A 458 30.68 7.27 -3.31
CA LYS A 458 32.07 7.69 -3.50
C LYS A 458 32.81 7.71 -2.14
N MET A 459 32.27 8.39 -1.14
CA MET A 459 32.84 8.40 0.19
C MET A 459 33.08 6.94 0.68
N LYS A 460 32.09 6.06 0.56
CA LYS A 460 32.23 4.67 1.06
C LYS A 460 33.28 3.87 0.29
N LYS A 461 33.27 3.97 -1.03
CA LYS A 461 34.32 3.33 -1.84
C LYS A 461 35.72 4.00 -1.74
N ALA A 462 35.75 5.27 -1.26
CA ALA A 462 36.95 6.14 -1.16
C ALA A 462 37.56 6.32 -2.55
N ASP A 463 36.71 6.71 -3.49
CA ASP A 463 37.04 6.78 -4.91
C ASP A 463 36.04 7.70 -5.64
N ASN A 464 36.50 8.89 -6.02
CA ASN A 464 35.63 9.90 -6.63
C ASN A 464 35.30 9.59 -8.10
N SER A 465 35.82 8.50 -8.67
CA SER A 465 35.35 7.93 -9.97
C SER A 465 34.18 6.89 -9.89
N ALA A 466 33.93 6.30 -8.70
CA ALA A 466 32.74 5.44 -8.50
C ALA A 466 31.48 6.23 -8.85
N ASN A 467 30.51 5.58 -9.51
CA ASN A 467 29.24 6.21 -9.84
C ASN A 467 28.09 5.20 -9.76
N LEU A 468 26.87 5.76 -9.79
CA LEU A 468 25.62 5.02 -9.65
C LEU A 468 24.76 5.30 -10.87
N ASN A 469 25.41 5.52 -12.00
CA ASN A 469 24.68 5.87 -13.20
C ASN A 469 23.83 4.64 -13.63
N GLN A 470 24.42 3.45 -13.50
CA GLN A 470 23.67 2.23 -13.76
C GLN A 470 22.41 2.07 -12.88
N TYR A 471 22.50 2.54 -11.62
CA TYR A 471 21.34 2.55 -10.68
C TYR A 471 20.05 3.20 -11.24
N LEU A 472 20.13 4.24 -12.08
CA LEU A 472 18.94 4.85 -12.74
C LEU A 472 18.04 3.91 -13.50
N LEU A 473 18.61 2.84 -14.03
CA LEU A 473 17.80 1.80 -14.69
C LEU A 473 16.76 1.22 -13.72
N TRP A 474 17.01 1.20 -12.42
CA TRP A 474 15.94 0.80 -11.50
C TRP A 474 14.64 1.69 -11.57
N PHE A 475 14.79 2.96 -11.99
CA PHE A 475 13.69 3.96 -12.17
C PHE A 475 13.04 3.90 -13.57
N SER A 476 13.82 3.56 -14.59
CA SER A 476 13.36 3.56 -15.98
C SER A 476 12.93 2.21 -16.55
N GLN A 477 13.47 1.08 -16.04
CA GLN A 477 13.18 -0.20 -16.65
C GLN A 477 12.12 -0.97 -15.91
N SER A 478 11.10 -1.38 -16.64
CA SER A 478 9.99 -2.15 -16.07
C SER A 478 10.34 -3.61 -16.09
N GLY A 479 9.52 -4.38 -15.39
CA GLY A 479 9.69 -5.83 -15.24
C GLY A 479 10.56 -6.26 -14.07
N THR A 480 10.34 -7.50 -13.66
CA THR A 480 11.05 -8.07 -12.55
C THR A 480 12.26 -8.84 -13.11
N PRO A 481 13.50 -8.53 -12.63
CA PRO A 481 14.64 -9.37 -13.00
C PRO A 481 14.55 -10.77 -12.44
N HIS A 482 15.09 -11.75 -13.20
CA HIS A 482 15.22 -13.15 -12.81
C HIS A 482 16.73 -13.35 -12.49
N VAL A 483 17.05 -13.75 -11.27
CA VAL A 483 18.44 -13.97 -10.89
C VAL A 483 18.56 -15.45 -10.60
N SER A 484 19.39 -16.13 -11.37
CA SER A 484 19.64 -17.59 -11.27
C SER A 484 21.11 -17.89 -10.89
N PHE A 485 21.35 -19.05 -10.34
CA PHE A 485 22.64 -19.38 -9.75
C PHE A 485 23.15 -20.77 -10.15
N LYS A 486 24.47 -20.92 -10.28
CA LYS A 486 25.11 -22.22 -10.33
C LYS A 486 26.28 -22.21 -9.38
N TYR A 487 26.61 -23.33 -8.78
CA TYR A 487 27.64 -23.41 -7.70
C TYR A 487 28.71 -24.42 -8.05
N ASN A 488 29.91 -24.19 -7.57
CA ASN A 488 30.94 -25.22 -7.68
C ASN A 488 31.89 -25.12 -6.50
N TYR A 489 32.24 -26.27 -5.92
CA TYR A 489 33.14 -26.38 -4.78
C TYR A 489 34.38 -27.25 -5.14
N ASP A 490 35.57 -26.75 -4.85
CA ASP A 490 36.80 -27.46 -5.09
C ASP A 490 37.39 -27.76 -3.68
N ALA A 491 37.26 -29.03 -3.27
CA ALA A 491 37.64 -29.51 -1.91
C ALA A 491 39.15 -29.50 -1.64
N GLU A 492 39.95 -29.71 -2.68
CA GLU A 492 41.41 -29.57 -2.57
C GLU A 492 41.84 -28.13 -2.28
N LYS A 493 41.23 -27.17 -2.98
CA LYS A 493 41.54 -25.74 -2.76
C LYS A 493 40.75 -25.07 -1.67
N LYS A 494 39.69 -25.73 -1.17
CA LYS A 494 38.78 -25.08 -0.21
C LYS A 494 38.22 -23.77 -0.80
N GLN A 495 37.77 -23.85 -2.06
CA GLN A 495 37.39 -22.65 -2.82
C GLN A 495 36.01 -22.92 -3.46
N TYR A 496 35.10 -21.98 -3.28
CA TYR A 496 33.71 -22.10 -3.68
C TYR A 496 33.38 -20.92 -4.55
N SER A 497 32.62 -21.19 -5.62
CA SER A 497 32.21 -20.18 -6.55
C SER A 497 30.65 -20.17 -6.72
N ILE A 498 30.07 -18.96 -6.73
CA ILE A 498 28.67 -18.72 -7.02
C ILE A 498 28.68 -18.02 -8.36
N HIS A 499 28.15 -18.65 -9.40
CA HIS A 499 27.96 -18.04 -10.70
C HIS A 499 26.51 -17.55 -10.85
N VAL A 500 26.34 -16.31 -11.23
CA VAL A 500 25.06 -15.62 -11.13
C VAL A 500 24.74 -15.04 -12.48
N ASN A 501 23.49 -15.17 -12.86
CA ASN A 501 22.94 -14.66 -14.07
C ASN A 501 21.71 -13.80 -13.70
N GLN A 502 21.55 -12.68 -14.40
CA GLN A 502 20.28 -11.89 -14.40
C GLN A 502 19.67 -11.71 -15.80
N TYR A 503 18.35 -11.65 -15.83
CA TYR A 503 17.58 -11.50 -17.08
C TYR A 503 16.29 -10.79 -16.71
N THR A 504 15.91 -9.78 -17.49
CA THR A 504 14.62 -9.18 -17.38
C THR A 504 13.94 -9.45 -18.74
N LYS A 505 12.69 -9.88 -18.70
CA LYS A 505 11.96 -10.20 -19.93
C LYS A 505 11.60 -8.93 -20.71
N PRO A 506 11.92 -8.90 -22.03
CA PRO A 506 11.46 -7.77 -22.83
C PRO A 506 9.95 -7.53 -22.67
N ASP A 507 9.52 -6.29 -22.78
CA ASP A 507 8.09 -6.00 -22.66
C ASP A 507 7.79 -4.72 -23.48
N GLU A 508 6.62 -4.16 -23.31
CA GLU A 508 6.19 -2.99 -24.12
C GLU A 508 6.92 -1.69 -23.79
N ASN A 509 7.60 -1.61 -22.65
CA ASN A 509 8.35 -0.42 -22.27
C ASN A 509 9.77 -0.43 -22.79
N GLN A 510 10.40 -1.61 -22.86
CA GLN A 510 11.72 -1.73 -23.46
C GLN A 510 11.77 -3.03 -24.21
N LYS A 511 12.17 -2.98 -25.47
CA LYS A 511 12.30 -4.20 -26.25
C LYS A 511 13.63 -4.88 -25.98
N GLU A 512 14.61 -4.12 -25.48
CA GLU A 512 15.90 -4.67 -25.01
C GLU A 512 16.13 -4.21 -23.58
N LYS A 513 16.51 -5.14 -22.71
CA LYS A 513 16.59 -4.87 -21.26
C LYS A 513 18.03 -4.93 -20.89
N LYS A 514 18.43 -4.02 -20.04
CA LYS A 514 19.80 -3.90 -19.61
C LYS A 514 20.01 -4.53 -18.24
N PRO A 515 21.21 -5.06 -18.00
CA PRO A 515 21.52 -5.45 -16.63
C PRO A 515 21.47 -4.31 -15.57
N LEU A 516 20.89 -4.62 -14.42
CA LEU A 516 20.77 -3.70 -13.31
C LEU A 516 21.92 -3.89 -12.36
N PHE A 517 22.04 -2.93 -11.42
CA PHE A 517 22.89 -3.04 -10.23
C PHE A 517 22.09 -3.75 -9.15
N ILE A 518 22.37 -5.04 -8.98
CA ILE A 518 21.64 -5.92 -8.05
C ILE A 518 22.55 -6.27 -6.86
N PRO A 519 22.23 -5.77 -5.66
CA PRO A 519 22.98 -6.20 -4.47
C PRO A 519 22.50 -7.56 -3.94
N ILE A 520 23.40 -8.56 -3.85
CA ILE A 520 23.04 -9.91 -3.38
C ILE A 520 23.60 -10.17 -1.99
N SER A 521 22.78 -10.03 -0.94
CA SER A 521 23.27 -10.27 0.43
CA SER A 521 23.29 -10.26 0.41
C SER A 521 23.35 -11.79 0.62
N VAL A 522 24.52 -12.30 1.02
CA VAL A 522 24.75 -13.74 1.07
C VAL A 522 25.42 -14.20 2.35
N GLY A 523 25.06 -15.40 2.80
CA GLY A 523 25.91 -16.17 3.69
C GLY A 523 26.13 -17.58 3.15
N LEU A 524 26.91 -18.36 3.90
CA LEU A 524 27.20 -19.76 3.53
C LEU A 524 27.05 -20.60 4.76
N ILE A 525 26.23 -21.65 4.65
CA ILE A 525 25.90 -22.52 5.76
C ILE A 525 26.59 -23.87 5.59
N ASN A 526 27.28 -24.29 6.64
CA ASN A 526 27.88 -25.60 6.66
C ASN A 526 26.75 -26.66 6.84
N PRO A 527 26.49 -27.54 5.85
CA PRO A 527 25.35 -28.46 5.93
C PRO A 527 25.52 -29.56 6.97
N GLU A 528 26.78 -29.85 7.33
CA GLU A 528 27.12 -30.83 8.37
C GLU A 528 26.68 -30.42 9.80
N ASN A 529 26.90 -29.16 10.19
CA ASN A 529 26.62 -28.66 11.53
C ASN A 529 25.61 -27.50 11.57
N GLY A 530 25.06 -27.10 10.42
CA GLY A 530 24.19 -25.96 10.33
C GLY A 530 24.73 -24.58 10.68
N LYS A 531 26.04 -24.37 10.69
CA LYS A 531 26.60 -23.06 11.06
C LYS A 531 27.08 -22.22 9.91
N GLU A 532 27.21 -20.96 10.23
CA GLU A 532 27.70 -19.88 9.38
C GLU A 532 29.15 -20.08 9.05
N MET A 533 29.53 -19.94 7.79
CA MET A 533 30.93 -20.14 7.36
C MET A 533 31.65 -18.87 6.97
N ILE A 534 30.93 -17.80 6.59
CA ILE A 534 31.57 -16.48 6.32
C ILE A 534 30.84 -15.34 7.05
N SER A 535 31.53 -14.23 7.22
CA SER A 535 30.90 -12.95 7.57
C SER A 535 29.96 -12.58 6.45
N GLN A 536 28.84 -11.99 6.77
CA GLN A 536 27.87 -11.79 5.73
C GLN A 536 28.42 -10.68 4.81
N THR A 537 28.12 -10.82 3.53
CA THR A 537 28.68 -9.94 2.55
C THR A 537 27.60 -9.63 1.53
N THR A 538 27.77 -8.52 0.85
CA THR A 538 26.90 -8.13 -0.23
C THR A 538 27.67 -8.14 -1.53
N LEU A 539 27.29 -9.03 -2.45
CA LEU A 539 27.87 -9.12 -3.76
C LEU A 539 27.16 -8.08 -4.65
N GLU A 540 27.93 -7.38 -5.46
CA GLU A 540 27.42 -6.32 -6.29
C GLU A 540 27.43 -6.86 -7.72
N LEU A 541 26.31 -7.39 -8.17
CA LEU A 541 26.23 -7.85 -9.54
C LEU A 541 25.85 -6.62 -10.45
N THR A 542 26.72 -6.27 -11.39
CA THR A 542 26.48 -5.18 -12.29
C THR A 542 26.41 -5.62 -13.71
N LYS A 543 26.91 -6.81 -14.01
CA LYS A 543 26.82 -7.35 -15.34
C LYS A 543 25.66 -8.33 -15.46
N GLU A 544 25.44 -8.75 -16.70
CA GLU A 544 24.50 -9.82 -17.06
C GLU A 544 24.80 -11.15 -16.36
N SER A 545 26.08 -11.40 -16.14
CA SER A 545 26.48 -12.56 -15.33
C SER A 545 27.88 -12.33 -14.77
N ASP A 546 28.18 -12.99 -13.68
CA ASP A 546 29.42 -12.82 -13.01
C ASP A 546 29.60 -14.05 -12.14
N THR A 547 30.85 -14.40 -11.84
CA THR A 547 31.18 -15.47 -10.92
C THR A 547 31.92 -14.87 -9.70
N PHE A 548 31.38 -15.13 -8.51
CA PHE A 548 32.00 -14.72 -7.25
C PHE A 548 32.62 -15.93 -6.55
N VAL A 549 33.91 -15.79 -6.20
CA VAL A 549 34.69 -16.89 -5.66
C VAL A 549 35.08 -16.56 -4.22
N PHE A 550 35.03 -17.58 -3.38
CA PHE A 550 35.32 -17.43 -1.95
C PHE A 550 36.42 -18.44 -1.59
N ASN A 551 37.44 -17.96 -0.89
CA ASN A 551 38.54 -18.85 -0.42
C ASN A 551 38.37 -19.25 1.03
N ASN A 552 39.00 -20.36 1.43
CA ASN A 552 39.01 -20.88 2.83
C ASN A 552 37.59 -21.28 3.26
N ILE A 553 36.96 -22.06 2.38
CA ILE A 553 35.62 -22.57 2.57
C ILE A 553 35.89 -24.02 2.79
N ALA A 554 35.69 -24.44 4.03
CA ALA A 554 36.33 -25.66 4.51
C ALA A 554 35.58 -26.92 4.08
N VAL A 555 34.26 -26.84 3.86
CA VAL A 555 33.46 -27.90 3.24
C VAL A 555 32.50 -27.26 2.26
N LYS A 556 31.88 -28.09 1.44
CA LYS A 556 30.89 -27.62 0.49
C LYS A 556 29.72 -26.97 1.25
N PRO A 557 29.46 -25.69 0.98
CA PRO A 557 28.42 -25.00 1.73
C PRO A 557 27.03 -25.21 1.12
N ILE A 558 26.02 -24.73 1.84
CA ILE A 558 24.76 -24.42 1.16
C ILE A 558 24.67 -22.91 1.18
N PRO A 559 24.46 -22.26 0.01
CA PRO A 559 24.42 -20.80 -0.02
C PRO A 559 23.09 -20.24 0.53
N SER A 560 23.17 -19.14 1.30
CA SER A 560 22.00 -18.47 1.84
C SER A 560 21.98 -17.15 1.05
N LEU A 561 21.06 -17.05 0.09
CA LEU A 561 21.07 -16.04 -0.99
C LEU A 561 19.97 -15.04 -0.88
N PHE A 562 20.32 -13.77 -1.13
CA PHE A 562 19.39 -12.65 -1.11
C PHE A 562 18.81 -12.49 0.26
N ARG A 563 19.69 -12.43 1.27
CA ARG A 563 19.26 -12.31 2.64
C ARG A 563 18.54 -11.00 2.83
N GLY A 564 17.48 -11.08 3.62
CA GLY A 564 16.60 -9.96 3.86
C GLY A 564 15.74 -9.69 2.63
N PHE A 565 15.83 -10.51 1.58
CA PHE A 565 15.28 -10.16 0.23
C PHE A 565 15.92 -8.88 -0.30
N SER A 566 17.20 -8.99 -0.62
CA SER A 566 18.06 -7.82 -0.87
C SER A 566 17.91 -7.16 -2.22
N ALA A 567 17.13 -7.73 -3.13
CA ALA A 567 16.69 -7.01 -4.30
C ALA A 567 15.38 -7.56 -4.77
N PRO A 568 14.64 -6.79 -5.57
CA PRO A 568 13.25 -7.13 -5.98
C PRO A 568 13.20 -7.94 -7.29
N VAL A 569 13.47 -9.22 -7.14
CA VAL A 569 13.76 -10.13 -8.23
C VAL A 569 13.13 -11.50 -8.00
N TYR A 570 12.99 -12.28 -9.07
CA TYR A 570 12.69 -13.73 -8.97
C TYR A 570 14.01 -14.46 -8.67
N ILE A 571 14.02 -15.27 -7.64
CA ILE A 571 15.22 -15.98 -7.27
C ILE A 571 15.03 -17.37 -7.79
N GLU A 572 16.02 -17.86 -8.54
CA GLU A 572 16.11 -19.30 -8.88
C GLU A 572 17.35 -19.83 -8.17
N ASP A 573 17.15 -20.44 -7.02
CA ASP A 573 18.27 -20.81 -6.14
C ASP A 573 19.05 -22.04 -6.64
N ASN A 574 18.46 -22.81 -7.59
CA ASN A 574 18.96 -24.09 -8.11
CA ASN A 574 19.07 -24.04 -8.10
C ASN A 574 19.45 -25.04 -6.98
N LEU A 575 18.72 -25.06 -5.87
CA LEU A 575 19.05 -25.94 -4.73
C LEU A 575 18.10 -27.10 -4.77
N THR A 576 18.54 -28.29 -4.31
CA THR A 576 17.61 -29.39 -4.07
C THR A 576 16.68 -29.07 -2.87
N ASP A 577 15.58 -29.80 -2.80
CA ASP A 577 14.70 -29.71 -1.62
C ASP A 577 15.44 -30.11 -0.32
N GLU A 578 16.38 -31.05 -0.44
CA GLU A 578 17.19 -31.48 0.73
C GLU A 578 17.98 -30.31 1.26
N GLU A 579 18.61 -29.54 0.36
CA GLU A 579 19.40 -28.35 0.75
C GLU A 579 18.46 -27.27 1.26
N ARG A 580 17.31 -27.12 0.62
CA ARG A 580 16.32 -26.12 1.10
C ARG A 580 15.80 -26.38 2.52
N ILE A 581 15.59 -27.65 2.82
CA ILE A 581 15.20 -28.08 4.14
C ILE A 581 16.27 -27.73 5.19
N LEU A 582 17.56 -27.96 4.88
CA LEU A 582 18.66 -27.64 5.78
C LEU A 582 18.70 -26.15 6.06
N LEU A 583 18.41 -25.32 5.05
CA LEU A 583 18.31 -23.86 5.25
C LEU A 583 17.11 -23.49 6.11
N LEU A 584 15.95 -24.05 5.81
CA LEU A 584 14.78 -23.83 6.64
C LEU A 584 15.07 -24.09 8.11
N LYS A 585 15.70 -25.23 8.39
CA LYS A 585 16.07 -25.59 9.79
C LYS A 585 17.18 -24.69 10.39
N TYR A 586 18.30 -24.48 9.69
CA TYR A 586 19.51 -23.96 10.33
C TYR A 586 19.96 -22.56 9.94
N ASP A 587 19.42 -21.99 8.85
CA ASP A 587 19.89 -20.69 8.37
C ASP A 587 19.52 -19.59 9.39
N SER A 588 20.30 -18.52 9.43
CA SER A 588 20.04 -17.42 10.34
C SER A 588 19.02 -16.42 9.82
N ASP A 589 18.97 -16.25 8.50
CA ASP A 589 18.16 -15.23 7.90
C ASP A 589 16.71 -15.70 7.69
N ALA A 590 15.76 -14.98 8.27
CA ALA A 590 14.36 -15.39 8.18
C ALA A 590 13.84 -15.44 6.74
N PHE A 591 14.15 -14.42 5.94
CA PHE A 591 13.71 -14.44 4.56
C PHE A 591 14.24 -15.68 3.84
N VAL A 592 15.53 -16.01 3.97
CA VAL A 592 16.05 -17.15 3.20
C VAL A 592 15.39 -18.47 3.66
N ARG A 593 15.12 -18.58 4.95
CA ARG A 593 14.43 -19.77 5.49
C ARG A 593 13.04 -19.88 4.88
N TYR A 594 12.28 -18.81 5.02
CA TYR A 594 10.96 -18.70 4.43
C TYR A 594 10.95 -18.96 2.91
N ASN A 595 11.91 -18.37 2.20
CA ASN A 595 11.95 -18.50 0.73
C ASN A 595 12.31 -19.92 0.34
N SER A 596 13.18 -20.56 1.14
CA SER A 596 13.54 -21.95 0.87
C SER A 596 12.32 -22.84 0.97
N CYS A 597 11.52 -22.60 2.02
CA CYS A 597 10.19 -23.24 2.20
C CYS A 597 9.23 -22.94 1.04
N THR A 598 9.18 -21.68 0.64
CA THR A 598 8.37 -21.23 -0.49
C THR A 598 8.75 -21.98 -1.77
N ASN A 599 10.05 -22.23 -1.96
CA ASN A 599 10.47 -22.88 -3.16
C ASN A 599 10.14 -24.35 -3.20
N ILE A 600 10.23 -25.02 -2.04
CA ILE A 600 9.81 -26.40 -1.87
C ILE A 600 8.32 -26.47 -2.19
N TYR A 601 7.51 -25.59 -1.63
CA TYR A 601 6.09 -25.55 -1.97
C TYR A 601 5.85 -25.32 -3.44
N MET A 602 6.58 -24.39 -4.07
CA MET A 602 6.32 -24.11 -5.45
C MET A 602 6.67 -25.28 -6.32
N LYS A 603 7.80 -25.94 -6.10
CA LYS A 603 8.16 -27.09 -6.92
C LYS A 603 7.00 -28.12 -6.89
N GLN A 604 6.47 -28.32 -5.68
CA GLN A 604 5.41 -29.31 -5.42
C GLN A 604 4.14 -28.86 -6.11
N ILE A 605 3.80 -27.58 -5.97
CA ILE A 605 2.56 -27.02 -6.58
C ILE A 605 2.57 -27.15 -8.13
N LEU A 606 3.69 -26.77 -8.76
CA LEU A 606 3.78 -26.86 -10.22
C LEU A 606 3.73 -28.36 -10.67
N MET A 607 4.41 -29.22 -9.90
CA MET A 607 4.36 -30.67 -10.26
C MET A 607 2.94 -31.25 -10.18
N ASN A 608 2.24 -31.06 -9.07
CA ASN A 608 0.86 -31.55 -8.93
C ASN A 608 -0.11 -30.81 -9.88
N TYR A 609 0.08 -29.50 -10.08
CA TYR A 609 -0.71 -28.73 -11.03
C TYR A 609 -0.62 -29.42 -12.40
N ASN A 610 0.60 -29.69 -12.87
CA ASN A 610 0.80 -30.34 -14.16
C ASN A 610 0.14 -31.73 -14.17
N GLU A 611 0.36 -32.53 -13.11
CA GLU A 611 -0.32 -33.86 -12.98
C GLU A 611 -1.86 -33.77 -13.12
N PHE A 612 -2.51 -32.90 -12.35
CA PHE A 612 -3.95 -32.75 -12.42
C PHE A 612 -4.42 -32.24 -13.81
N LEU A 613 -3.63 -31.34 -14.38
CA LEU A 613 -4.02 -30.71 -15.68
C LEU A 613 -3.91 -31.71 -16.82
N LYS A 614 -2.83 -32.49 -16.85
CA LYS A 614 -2.74 -33.54 -17.86
C LYS A 614 -3.91 -34.54 -17.72
N ALA A 615 -4.12 -35.05 -16.52
CA ALA A 615 -5.27 -35.93 -16.29
C ALA A 615 -6.62 -35.33 -16.71
N LYS A 616 -6.82 -34.04 -16.46
CA LYS A 616 -8.09 -33.39 -16.82
C LYS A 616 -8.26 -33.26 -18.35
N ASN A 617 -7.18 -32.93 -19.03
CA ASN A 617 -7.25 -32.63 -20.46
C ASN A 617 -7.25 -33.94 -21.23
N GLU A 618 -6.55 -34.95 -20.74
CA GLU A 618 -6.54 -36.25 -21.42
C GLU A 618 -7.77 -37.13 -21.09
N LYS A 619 -8.65 -36.65 -20.20
CA LYS A 619 -9.79 -37.42 -19.62
C LYS A 619 -9.37 -38.83 -19.15
N LEU A 620 -8.28 -38.86 -18.38
CA LEU A 620 -7.71 -40.09 -17.80
C LEU A 620 -8.63 -40.69 -16.72
N GLU A 621 -8.73 -42.01 -16.71
CA GLU A 621 -9.49 -42.72 -15.65
C GLU A 621 -8.65 -43.01 -14.39
N SER A 622 -7.35 -42.73 -14.47
CA SER A 622 -6.42 -42.94 -13.36
C SER A 622 -5.06 -42.28 -13.69
N PHE A 623 -4.34 -41.88 -12.66
CA PHE A 623 -3.08 -41.12 -12.82
C PHE A 623 -2.47 -41.02 -11.44
N ASN A 624 -1.26 -40.50 -11.36
CA ASN A 624 -0.53 -40.40 -10.12
C ASN A 624 -0.30 -38.93 -9.76
N LEU A 625 -0.19 -38.67 -8.46
CA LEU A 625 0.32 -37.43 -7.95
C LEU A 625 1.61 -37.64 -7.15
N THR A 626 2.55 -36.73 -7.36
CA THR A 626 3.79 -36.71 -6.62
C THR A 626 3.45 -36.32 -5.18
N PRO A 627 3.80 -37.19 -4.24
CA PRO A 627 3.52 -36.84 -2.84
C PRO A 627 4.39 -35.67 -2.35
N VAL A 628 3.89 -34.97 -1.33
CA VAL A 628 4.68 -33.93 -0.67
C VAL A 628 5.90 -34.53 0.00
N ASN A 629 7.06 -33.90 -0.10
CA ASN A 629 8.31 -34.44 0.44
C ASN A 629 8.23 -34.66 1.99
N ALA A 630 8.66 -35.86 2.40
CA ALA A 630 8.36 -36.38 3.72
C ALA A 630 9.36 -35.78 4.70
N GLN A 631 10.57 -35.52 4.23
CA GLN A 631 11.63 -34.83 5.02
C GLN A 631 11.18 -33.35 5.23
N PHE A 632 10.56 -32.72 4.22
CA PHE A 632 9.99 -31.37 4.39
C PHE A 632 8.92 -31.37 5.51
N ILE A 633 7.99 -32.29 5.44
CA ILE A 633 6.97 -32.42 6.45
C ILE A 633 7.62 -32.62 7.85
N ASP A 634 8.62 -33.51 7.97
CA ASP A 634 9.38 -33.67 9.25
C ASP A 634 10.02 -32.34 9.70
N ALA A 635 10.57 -31.58 8.76
CA ALA A 635 11.16 -30.27 9.13
C ALA A 635 10.07 -29.28 9.63
N ILE A 636 8.87 -29.33 9.09
CA ILE A 636 7.81 -28.43 9.55
C ILE A 636 7.39 -28.79 10.99
N LYS A 637 7.21 -30.08 11.25
CA LYS A 637 6.96 -30.61 12.61
C LYS A 637 8.02 -30.12 13.59
N TYR A 638 9.31 -30.25 13.23
CA TYR A 638 10.44 -29.91 14.16
C TYR A 638 10.40 -28.42 14.49
N LEU A 639 10.24 -27.58 13.48
CA LEU A 639 10.02 -26.15 13.73
C LEU A 639 8.79 -25.88 14.64
N LEU A 640 7.63 -26.45 14.32
CA LEU A 640 6.46 -26.20 15.11
C LEU A 640 6.69 -26.63 16.58
N GLU A 641 7.30 -27.78 16.80
CA GLU A 641 7.53 -28.29 18.18
C GLU A 641 8.64 -27.58 18.98
N ASP A 642 9.46 -26.77 18.31
CA ASP A 642 10.47 -25.97 18.95
C ASP A 642 9.85 -24.78 19.70
N PRO A 643 9.84 -24.86 21.04
CA PRO A 643 9.13 -23.78 21.76
C PRO A 643 9.86 -22.43 21.72
N HIS A 644 11.14 -22.43 21.31
CA HIS A 644 11.89 -21.19 21.19
C HIS A 644 11.91 -20.67 19.74
N ALA A 645 11.17 -21.28 18.82
CA ALA A 645 11.07 -20.75 17.42
C ALA A 645 9.92 -19.72 17.38
N ASP A 646 9.95 -18.82 16.42
CA ASP A 646 9.02 -17.72 16.42
C ASP A 646 7.60 -18.10 15.90
N ALA A 647 6.57 -17.69 16.63
CA ALA A 647 5.22 -18.11 16.31
C ALA A 647 4.71 -17.54 14.98
N GLY A 648 5.00 -16.28 14.69
CA GLY A 648 4.70 -15.68 13.37
C GLY A 648 5.40 -16.42 12.23
N PHE A 649 6.67 -16.73 12.45
CA PHE A 649 7.39 -17.49 11.43
C PHE A 649 6.68 -18.82 11.09
N LYS A 650 6.20 -19.50 12.11
CA LYS A 650 5.54 -20.79 12.01
C LYS A 650 4.26 -20.67 11.16
N SER A 651 3.55 -19.54 11.29
CA SER A 651 2.29 -19.34 10.53
C SER A 651 2.57 -19.18 9.04
N TYR A 652 3.72 -18.64 8.72
CA TYR A 652 4.21 -18.56 7.36
C TYR A 652 4.63 -19.95 6.80
N ILE A 653 5.25 -20.82 7.59
CA ILE A 653 5.67 -22.13 7.03
C ILE A 653 4.51 -23.14 6.79
N VAL A 654 3.41 -23.04 7.54
CA VAL A 654 2.27 -23.95 7.35
C VAL A 654 1.27 -23.46 6.33
N SER A 655 1.46 -22.27 5.76
CA SER A 655 0.61 -21.69 4.74
C SER A 655 1.30 -21.80 3.34
N LEU A 656 0.59 -22.30 2.31
CA LEU A 656 1.15 -22.34 0.98
C LEU A 656 1.35 -20.92 0.51
N PRO A 657 2.17 -20.74 -0.52
CA PRO A 657 2.24 -19.45 -1.15
C PRO A 657 0.85 -18.98 -1.64
N GLN A 658 0.68 -17.67 -1.64
CA GLN A 658 -0.58 -17.05 -2.08
C GLN A 658 -0.79 -17.30 -3.55
N ASP A 659 -2.05 -17.35 -3.93
CA ASP A 659 -2.44 -17.58 -5.29
C ASP A 659 -1.82 -16.60 -6.28
N ARG A 660 -1.75 -15.32 -5.92
CA ARG A 660 -1.19 -14.33 -6.81
C ARG A 660 0.31 -14.41 -6.89
N TYR A 661 1.00 -15.02 -5.90
CA TYR A 661 2.41 -15.44 -6.09
C TYR A 661 2.50 -16.62 -7.12
N ILE A 662 1.71 -17.66 -6.90
CA ILE A 662 1.71 -18.88 -7.73
C ILE A 662 1.47 -18.57 -9.22
N ILE A 663 0.54 -17.67 -9.52
CA ILE A 663 0.18 -17.38 -10.91
C ILE A 663 1.30 -16.79 -11.78
N ASN A 664 2.25 -16.13 -11.12
CA ASN A 664 3.40 -15.59 -11.81
C ASN A 664 4.25 -16.69 -12.45
N PHE A 665 4.05 -17.96 -12.05
CA PHE A 665 4.82 -19.10 -12.58
C PHE A 665 4.00 -20.03 -13.47
N VAL A 666 2.74 -19.70 -13.78
CA VAL A 666 1.94 -20.57 -14.59
C VAL A 666 1.33 -19.76 -15.70
N SER A 667 1.43 -20.27 -16.91
CA SER A 667 0.72 -19.62 -18.06
C SER A 667 -0.49 -20.47 -18.37
N ASN A 668 -1.59 -19.83 -18.76
CA ASN A 668 -2.85 -20.49 -19.04
C ASN A 668 -3.47 -21.20 -17.85
N LEU A 669 -3.47 -20.52 -16.72
CA LEU A 669 -3.84 -21.12 -15.45
C LEU A 669 -5.30 -21.52 -15.38
N ASP A 670 -5.57 -22.80 -15.23
CA ASP A 670 -6.85 -23.31 -14.78
C ASP A 670 -6.94 -23.19 -13.22
N THR A 671 -7.77 -22.26 -12.77
CA THR A 671 -7.93 -21.96 -11.39
C THR A 671 -8.52 -23.14 -10.61
N ASP A 672 -9.38 -23.94 -11.26
CA ASP A 672 -9.95 -25.16 -10.65
CA ASP A 672 -9.92 -25.09 -10.61
C ASP A 672 -8.88 -26.16 -10.34
N VAL A 673 -8.01 -26.40 -11.32
CA VAL A 673 -6.91 -27.33 -11.16
C VAL A 673 -5.98 -26.81 -10.01
N LEU A 674 -5.78 -25.50 -9.92
CA LEU A 674 -4.97 -24.98 -8.83
C LEU A 674 -5.63 -25.20 -7.48
N ALA A 675 -6.90 -24.92 -7.39
CA ALA A 675 -7.66 -25.15 -6.14
C ALA A 675 -7.54 -26.65 -5.74
N ASP A 676 -7.68 -27.55 -6.71
CA ASP A 676 -7.42 -28.96 -6.44
C ASP A 676 -5.99 -29.26 -5.99
N THR A 677 -5.01 -28.62 -6.64
CA THR A 677 -3.62 -28.80 -6.24
C THR A 677 -3.34 -28.42 -4.75
N LYS A 678 -3.78 -27.22 -4.40
CA LYS A 678 -3.62 -26.72 -3.06
C LYS A 678 -4.32 -27.59 -2.05
N GLU A 679 -5.54 -28.05 -2.35
CA GLU A 679 -6.23 -28.92 -1.40
C GLU A 679 -5.46 -30.20 -1.16
N TYR A 680 -4.93 -30.80 -2.22
CA TYR A 680 -4.18 -32.06 -2.08
C TYR A 680 -2.95 -31.92 -1.21
N ILE A 681 -2.25 -30.81 -1.43
CA ILE A 681 -1.02 -30.53 -0.67
C ILE A 681 -1.33 -30.31 0.80
N TYR A 682 -2.31 -29.48 1.09
CA TYR A 682 -2.66 -29.20 2.46
C TYR A 682 -3.16 -30.48 3.15
N LYS A 683 -3.86 -31.32 2.37
CA LYS A 683 -4.39 -32.60 2.89
C LYS A 683 -3.25 -33.53 3.25
N GLN A 684 -2.28 -33.61 2.36
CA GLN A 684 -1.13 -34.48 2.61
C GLN A 684 -0.37 -34.11 3.87
N ILE A 685 -0.13 -32.81 4.04
CA ILE A 685 0.60 -32.32 5.19
C ILE A 685 -0.24 -32.57 6.47
N GLY A 686 -1.55 -32.29 6.42
CA GLY A 686 -2.38 -32.39 7.61
C GLY A 686 -2.55 -33.85 8.05
N ASP A 687 -2.59 -34.77 7.09
CA ASP A 687 -2.65 -36.19 7.40
C ASP A 687 -1.42 -36.61 8.24
N LYS A 688 -0.29 -35.92 8.11
CA LYS A 688 0.82 -36.14 8.98
C LYS A 688 0.82 -35.32 10.27
N LEU A 689 0.36 -34.06 10.22
CA LEU A 689 0.64 -33.07 11.23
C LEU A 689 -0.57 -32.58 12.04
N ASN A 690 -1.79 -33.02 11.73
CA ASN A 690 -2.92 -32.46 12.41
C ASN A 690 -2.85 -32.63 13.92
N ASP A 691 -2.34 -33.76 14.38
CA ASP A 691 -2.24 -33.96 15.85
C ASP A 691 -1.27 -32.94 16.47
N VAL A 692 -0.19 -32.65 15.74
CA VAL A 692 0.78 -31.64 16.20
C VAL A 692 0.05 -30.29 16.17
N TYR A 693 -0.68 -30.02 15.08
CA TYR A 693 -1.42 -28.77 14.97
C TYR A 693 -2.39 -28.56 16.13
N TYR A 694 -3.19 -29.55 16.40
CA TYR A 694 -4.08 -29.53 17.54
C TYR A 694 -3.32 -29.29 18.85
N LYS A 695 -2.29 -30.09 19.10
CA LYS A 695 -1.59 -30.00 20.35
C LYS A 695 -1.06 -28.57 20.55
N MET A 696 -0.43 -27.99 19.53
CA MET A 696 -0.01 -26.59 19.58
C MET A 696 -1.13 -25.55 19.72
N PHE A 697 -2.24 -25.74 19.05
CA PHE A 697 -3.37 -24.86 19.19
C PHE A 697 -3.77 -24.72 20.71
N LYS A 698 -3.84 -25.85 21.41
CA LYS A 698 -4.19 -25.88 22.84
C LYS A 698 -3.04 -25.31 23.71
N SER A 699 -1.81 -25.77 23.54
CA SER A 699 -0.66 -25.26 24.34
C SER A 699 -0.45 -23.74 24.22
N LEU A 700 -0.79 -23.15 23.05
CA LEU A 700 -0.55 -21.72 22.79
C LEU A 700 -1.53 -20.80 23.48
N GLU A 701 -2.72 -21.32 23.82
CA GLU A 701 -3.83 -20.56 24.36
C GLU A 701 -3.45 -19.62 25.47
N ALA A 702 -2.75 -20.11 26.50
CA ALA A 702 -2.53 -19.35 27.75
C ALA A 702 -1.80 -18.07 27.43
N LYS A 703 -0.67 -18.18 26.69
CA LYS A 703 0.15 -17.00 26.29
C LYS A 703 -0.51 -16.20 25.20
N ALA A 704 -1.11 -16.85 24.22
CA ALA A 704 -1.74 -16.12 23.13
C ALA A 704 -2.82 -15.16 23.57
N ASP A 705 -3.71 -15.60 24.44
CA ASP A 705 -4.90 -14.84 24.79
C ASP A 705 -4.83 -14.22 26.20
N ASP A 706 -3.62 -14.15 26.76
CA ASP A 706 -3.35 -13.50 28.05
C ASP A 706 -3.81 -12.02 27.93
N LEU A 707 -4.42 -11.48 28.95
CA LEU A 707 -5.04 -10.15 28.86
C LEU A 707 -4.16 -9.00 29.33
N THR A 708 -2.86 -9.24 29.49
CA THR A 708 -1.92 -8.19 29.78
C THR A 708 -2.09 -7.13 28.67
N TYR A 709 -2.18 -5.87 29.06
CA TYR A 709 -2.30 -4.75 28.15
C TYR A 709 -3.66 -4.59 27.48
N PHE A 710 -4.65 -5.43 27.82
CA PHE A 710 -5.96 -5.37 27.19
C PHE A 710 -6.69 -4.00 27.35
N ASN A 711 -6.34 -3.22 28.40
CA ASN A 711 -6.90 -1.91 28.66
C ASN A 711 -5.94 -0.79 28.30
N ASP A 712 -4.80 -1.13 27.74
CA ASP A 712 -3.72 -0.19 27.45
C ASP A 712 -3.69 -0.02 25.90
N GLU A 713 -4.21 1.13 25.49
CA GLU A 713 -4.27 1.49 24.08
C GLU A 713 -2.96 2.16 23.64
N SER A 714 -1.93 2.15 24.50
CA SER A 714 -0.66 2.75 24.14
C SER A 714 0.44 1.71 23.87
N HIS A 715 0.10 0.43 24.06
CA HIS A 715 1.11 -0.64 23.96
C HIS A 715 0.51 -1.87 23.33
N VAL A 716 1.27 -2.50 22.44
CA VAL A 716 0.86 -3.71 21.78
C VAL A 716 2.01 -4.67 21.82
N ASP A 717 1.72 -5.90 22.26
CA ASP A 717 2.71 -6.96 22.22
C ASP A 717 2.59 -7.68 20.84
N PHE A 718 3.50 -7.37 19.92
CA PHE A 718 3.45 -7.97 18.55
C PHE A 718 3.80 -9.46 18.51
N ASP A 719 4.75 -9.91 19.36
CA ASP A 719 5.00 -11.37 19.54
CA ASP A 719 5.00 -11.37 19.54
C ASP A 719 3.70 -12.12 19.94
N GLN A 720 2.97 -11.59 20.90
CA GLN A 720 1.70 -12.22 21.32
C GLN A 720 0.61 -12.17 20.19
N MET A 721 0.51 -11.06 19.49
CA MET A 721 -0.32 -11.01 18.31
C MET A 721 0.05 -12.11 17.34
N ASN A 722 1.35 -12.34 17.11
CA ASN A 722 1.72 -13.45 16.24
C ASN A 722 1.34 -14.81 16.80
N MET A 723 1.28 -14.97 18.11
CA MET A 723 0.79 -16.24 18.67
C MET A 723 -0.70 -16.47 18.37
N ARG A 724 -1.50 -15.39 18.44
CA ARG A 724 -2.89 -15.52 18.01
C ARG A 724 -2.98 -15.85 16.51
N THR A 725 -2.14 -15.21 15.69
CA THR A 725 -2.12 -15.46 14.29
C THR A 725 -1.87 -16.92 14.02
N LEU A 726 -0.90 -17.48 14.75
CA LEU A 726 -0.57 -18.89 14.61
C LEU A 726 -1.72 -19.78 15.06
N ARG A 727 -2.34 -19.46 16.18
CA ARG A 727 -3.48 -20.24 16.65
C ARG A 727 -4.62 -20.21 15.62
N ASN A 728 -4.86 -19.05 15.06
CA ASN A 728 -5.96 -18.92 14.10
C ASN A 728 -5.69 -19.58 12.75
N THR A 729 -4.42 -19.62 12.37
CA THR A 729 -4.02 -20.30 11.14
C THR A 729 -4.25 -21.82 11.34
N LEU A 730 -3.74 -22.35 12.45
CA LEU A 730 -3.88 -23.75 12.80
C LEU A 730 -5.36 -24.19 12.88
N LEU A 731 -6.20 -23.31 13.42
CA LEU A 731 -7.61 -23.60 13.57
C LEU A 731 -8.28 -23.70 12.23
N SER A 732 -7.84 -22.88 11.29
CA SER A 732 -8.35 -22.97 9.93
C SER A 732 -7.97 -24.32 9.30
N LEU A 733 -6.72 -24.71 9.45
CA LEU A 733 -6.26 -25.95 8.86
C LEU A 733 -7.07 -27.14 9.44
N LEU A 734 -7.26 -27.12 10.75
CA LEU A 734 -7.91 -28.19 11.44
C LEU A 734 -9.39 -28.22 11.17
N SER A 735 -10.01 -27.03 11.01
CA SER A 735 -11.40 -26.94 10.61
C SER A 735 -11.68 -27.52 9.22
N LYS A 736 -10.90 -27.08 8.26
CA LYS A 736 -10.99 -27.60 6.90
C LYS A 736 -10.75 -29.12 6.87
N ALA A 737 -9.85 -29.63 7.69
CA ALA A 737 -9.63 -31.09 7.76
C ALA A 737 -10.76 -31.85 8.47
N GLN A 738 -11.69 -31.17 9.15
CA GLN A 738 -12.70 -31.84 9.97
C GLN A 738 -12.06 -32.71 11.05
N TYR A 739 -10.97 -32.20 11.63
CA TYR A 739 -10.32 -32.86 12.79
C TYR A 739 -11.37 -33.18 13.91
N PRO A 740 -11.28 -34.38 14.55
CA PRO A 740 -12.36 -34.79 15.45
C PRO A 740 -12.62 -33.76 16.49
N ASN A 741 -13.89 -33.40 16.65
CA ASN A 741 -14.37 -32.59 17.77
C ASN A 741 -13.87 -31.13 17.72
N ILE A 742 -13.37 -30.70 16.55
CA ILE A 742 -12.81 -29.35 16.42
C ILE A 742 -13.94 -28.30 16.55
N LEU A 743 -15.17 -28.67 16.19
CA LEU A 743 -16.28 -27.75 16.36
C LEU A 743 -16.36 -27.21 17.78
N ASN A 744 -16.16 -28.04 18.77
CA ASN A 744 -16.12 -27.58 20.19
C ASN A 744 -15.13 -26.41 20.42
N GLU A 745 -13.96 -26.55 19.82
CA GLU A 745 -12.89 -25.58 19.96
C GLU A 745 -13.35 -24.31 19.26
N ILE A 746 -14.02 -24.43 18.10
CA ILE A 746 -14.57 -23.30 17.34
C ILE A 746 -15.58 -22.51 18.20
N ILE A 747 -16.47 -23.23 18.88
CA ILE A 747 -17.50 -22.60 19.73
C ILE A 747 -16.87 -21.90 20.91
N GLU A 748 -15.92 -22.54 21.59
CA GLU A 748 -15.17 -21.85 22.67
C GLU A 748 -14.42 -20.59 22.18
N HIS A 749 -13.81 -20.70 21.02
CA HIS A 749 -13.03 -19.57 20.44
C HIS A 749 -13.94 -18.37 20.14
N SER A 750 -15.20 -18.62 19.77
CA SER A 750 -16.21 -17.59 19.54
C SER A 750 -16.56 -16.72 20.75
N LYS A 751 -16.26 -17.21 21.95
CA LYS A 751 -16.37 -16.50 23.22
C LYS A 751 -15.09 -15.76 23.68
N SER A 752 -14.01 -15.77 22.91
CA SER A 752 -12.80 -15.05 23.30
C SER A 752 -13.10 -13.56 23.25
N PRO A 753 -12.47 -12.75 24.12
CA PRO A 753 -12.72 -11.31 24.00
C PRO A 753 -11.92 -10.65 22.89
N TYR A 754 -10.98 -11.36 22.27
CA TYR A 754 -10.25 -10.80 21.12
C TYR A 754 -11.08 -10.98 19.85
N PRO A 755 -11.41 -9.87 19.17
CA PRO A 755 -12.12 -9.98 17.89
C PRO A 755 -11.40 -10.76 16.80
N SER A 756 -10.08 -10.73 16.80
CA SER A 756 -9.32 -11.59 15.91
C SER A 756 -9.72 -13.05 16.12
N ASN A 757 -9.88 -13.47 17.38
CA ASN A 757 -10.35 -14.85 17.67
C ASN A 757 -11.80 -15.08 17.28
N TRP A 758 -12.71 -14.22 17.72
CA TRP A 758 -14.12 -14.48 17.47
C TRP A 758 -14.57 -14.22 16.04
N LEU A 759 -13.89 -13.39 15.28
CA LEU A 759 -14.17 -13.39 13.83
C LEU A 759 -13.56 -14.62 13.08
N THR A 760 -12.42 -15.13 13.55
CA THR A 760 -11.85 -16.34 13.02
C THR A 760 -12.86 -17.49 13.24
N SER A 761 -13.56 -17.47 14.36
CA SER A 761 -14.50 -18.56 14.66
C SER A 761 -15.56 -18.60 13.57
N LEU A 762 -15.99 -17.42 13.15
CA LEU A 762 -16.91 -17.34 12.00
C LEU A 762 -16.34 -17.96 10.75
N SER A 763 -15.14 -17.55 10.31
CA SER A 763 -14.68 -18.04 8.97
C SER A 763 -14.41 -19.55 9.01
N VAL A 764 -13.80 -20.02 10.10
CA VAL A 764 -13.48 -21.44 10.21
C VAL A 764 -14.76 -22.30 10.39
N SER A 765 -15.82 -21.72 10.94
CA SER A 765 -17.11 -22.39 11.02
C SER A 765 -17.80 -22.64 9.66
N ALA A 766 -17.32 -21.98 8.59
CA ALA A 766 -17.81 -22.27 7.24
C ALA A 766 -17.92 -23.76 6.85
N TYR A 767 -17.08 -24.59 7.43
CA TYR A 767 -17.05 -26.03 7.14
C TYR A 767 -18.11 -26.83 7.91
N PHE A 768 -18.93 -26.17 8.73
CA PHE A 768 -19.99 -26.82 9.55
C PHE A 768 -21.33 -26.08 9.43
N ASP A 769 -22.39 -26.75 9.89
CA ASP A 769 -23.76 -26.18 9.90
C ASP A 769 -23.94 -25.12 10.97
N LYS A 770 -22.96 -24.98 11.86
CA LYS A 770 -22.98 -23.92 12.88
C LYS A 770 -22.70 -22.54 12.27
N TYR A 771 -22.30 -22.51 10.99
CA TYR A 771 -21.94 -21.27 10.32
C TYR A 771 -23.01 -20.20 10.51
N PHE A 772 -24.26 -20.53 10.18
CA PHE A 772 -25.29 -19.49 10.30
C PHE A 772 -25.60 -19.01 11.73
N GLU A 773 -25.40 -19.83 12.75
CA GLU A 773 -25.50 -19.31 14.15
C GLU A 773 -24.34 -18.37 14.52
N LEU A 774 -23.12 -18.76 14.18
CA LEU A 774 -21.93 -17.85 14.36
C LEU A 774 -22.00 -16.54 13.52
N TYR A 775 -22.55 -16.63 12.31
CA TYR A 775 -22.86 -15.45 11.47
C TYR A 775 -23.74 -14.46 12.25
N ASP A 776 -24.86 -14.93 12.81
CA ASP A 776 -25.75 -14.08 13.63
C ASP A 776 -25.11 -13.61 14.93
N LYS A 777 -24.45 -14.50 15.66
CA LYS A 777 -23.79 -14.08 16.90
C LYS A 777 -22.74 -12.96 16.59
N THR A 778 -21.88 -13.19 15.60
CA THR A 778 -20.81 -12.21 15.33
C THR A 778 -21.33 -10.93 14.75
N TYR A 779 -22.43 -11.05 14.02
CA TYR A 779 -23.14 -9.86 13.52
C TYR A 779 -23.57 -8.97 14.64
N LYS A 780 -24.22 -9.58 15.65
CA LYS A 780 -24.69 -8.86 16.82
C LYS A 780 -23.52 -8.17 17.53
N LEU A 781 -22.39 -8.83 17.64
CA LEU A 781 -21.22 -8.25 18.34
C LEU A 781 -20.60 -7.09 17.56
N SER A 782 -20.84 -7.09 16.23
CA SER A 782 -20.14 -6.21 15.30
C SER A 782 -20.91 -4.97 14.87
N LYS A 783 -22.25 -5.03 14.87
CA LYS A 783 -23.08 -4.07 14.19
C LYS A 783 -23.13 -2.67 14.76
N ASP A 784 -22.76 -2.47 16.02
CA ASP A 784 -22.83 -1.10 16.62
C ASP A 784 -21.51 -0.34 16.53
N ASP A 785 -20.52 -0.90 15.82
CA ASP A 785 -19.23 -0.22 15.57
C ASP A 785 -19.00 -0.24 14.05
N GLU A 786 -18.88 0.94 13.46
CA GLU A 786 -18.78 1.10 12.00
C GLU A 786 -17.63 0.27 11.41
N LEU A 787 -16.47 0.34 12.05
CA LEU A 787 -15.27 -0.35 11.62
C LEU A 787 -15.32 -1.86 11.89
N LEU A 788 -15.88 -2.24 13.03
CA LEU A 788 -16.01 -3.65 13.31
C LEU A 788 -16.99 -4.38 12.37
N LEU A 789 -18.11 -3.74 12.02
CA LEU A 789 -19.06 -4.28 11.06
C LEU A 789 -18.45 -4.43 9.70
N GLN A 790 -17.62 -3.47 9.31
CA GLN A 790 -16.78 -3.66 8.12
C GLN A 790 -15.83 -4.87 8.22
N GLU A 791 -15.19 -5.14 9.37
CA GLU A 791 -14.35 -6.39 9.47
C GLU A 791 -15.24 -7.66 9.37
N TRP A 792 -16.46 -7.56 9.90
CA TRP A 792 -17.41 -8.66 9.84
C TRP A 792 -17.80 -8.89 8.42
N LEU A 793 -18.01 -7.82 7.66
CA LEU A 793 -18.36 -7.94 6.24
C LEU A 793 -17.25 -8.69 5.48
N LYS A 794 -16.01 -8.36 5.75
CA LYS A 794 -14.89 -9.04 5.08
C LYS A 794 -14.82 -10.49 5.49
N THR A 795 -15.05 -10.77 6.77
CA THR A 795 -14.97 -12.17 7.25
C THR A 795 -16.02 -13.02 6.52
N VAL A 796 -17.22 -12.47 6.41
CA VAL A 796 -18.28 -13.14 5.65
C VAL A 796 -17.82 -13.28 4.20
N SER A 797 -17.33 -12.17 3.61
CA SER A 797 -17.04 -12.14 2.13
C SER A 797 -15.99 -13.24 1.75
N ARG A 798 -15.02 -13.46 2.66
CA ARG A 798 -13.98 -14.48 2.43
C ARG A 798 -14.31 -15.87 2.99
N SER A 799 -15.50 -16.03 3.58
CA SER A 799 -15.91 -17.37 4.06
C SER A 799 -15.86 -18.42 2.96
N ASP A 800 -15.21 -19.56 3.26
CA ASP A 800 -15.07 -20.65 2.29
C ASP A 800 -16.37 -21.46 2.20
N ARG A 801 -17.37 -20.88 1.54
CA ARG A 801 -18.73 -21.34 1.55
C ARG A 801 -19.18 -21.70 0.13
N LYS A 802 -19.87 -22.84 0.00
CA LYS A 802 -20.52 -23.26 -1.25
C LYS A 802 -21.61 -22.27 -1.71
N ASP A 803 -22.38 -21.77 -0.74
CA ASP A 803 -23.44 -20.79 -0.98
C ASP A 803 -22.97 -19.31 -0.93
N ILE A 804 -21.73 -19.03 -1.33
CA ILE A 804 -21.17 -17.65 -1.14
C ILE A 804 -21.93 -16.63 -1.97
N TYR A 805 -22.37 -17.01 -3.16
CA TYR A 805 -23.14 -16.11 -3.98
C TYR A 805 -24.50 -15.71 -3.34
N GLU A 806 -25.16 -16.64 -2.67
CA GLU A 806 -26.43 -16.31 -2.00
C GLU A 806 -26.08 -15.52 -0.75
N ILE A 807 -24.95 -15.81 -0.10
CA ILE A 807 -24.52 -14.98 1.05
C ILE A 807 -24.23 -13.54 0.63
N LEU A 808 -23.56 -13.33 -0.50
CA LEU A 808 -23.32 -11.96 -1.01
C LEU A 808 -24.60 -11.18 -1.24
N LYS A 809 -25.58 -11.86 -1.85
CA LYS A 809 -26.88 -11.25 -2.12
C LYS A 809 -27.57 -10.91 -0.77
N LYS A 810 -27.43 -11.73 0.26
CA LYS A 810 -27.89 -11.33 1.59
C LYS A 810 -27.14 -10.08 2.15
N LEU A 811 -25.83 -9.99 1.93
CA LEU A 811 -25.09 -8.80 2.41
C LEU A 811 -25.58 -7.54 1.71
N GLU A 812 -25.78 -7.65 0.41
CA GLU A 812 -26.24 -6.55 -0.37
C GLU A 812 -27.57 -6.00 0.15
N ASN A 813 -28.52 -6.87 0.38
CA ASN A 813 -29.88 -6.48 0.73
C ASN A 813 -30.04 -6.11 2.18
N GLU A 814 -29.31 -6.77 3.07
CA GLU A 814 -29.53 -6.55 4.50
C GLU A 814 -28.56 -5.55 5.14
N VAL A 815 -27.34 -5.41 4.57
CA VAL A 815 -26.28 -4.62 5.22
C VAL A 815 -25.66 -3.50 4.38
N LEU A 816 -25.23 -3.81 3.15
CA LEU A 816 -24.58 -2.81 2.30
C LEU A 816 -25.58 -1.81 1.82
N LYS A 817 -26.71 -2.33 1.37
CA LYS A 817 -27.76 -1.56 0.73
C LYS A 817 -27.12 -0.65 -0.30
N ASP A 818 -27.48 0.62 -0.36
CA ASP A 818 -26.88 1.43 -1.41
C ASP A 818 -25.84 2.38 -0.78
N SER A 819 -25.03 1.84 0.13
CA SER A 819 -23.92 2.59 0.72
C SER A 819 -22.93 3.04 -0.37
N LYS A 820 -22.42 4.27 -0.22
CA LYS A 820 -21.40 4.83 -1.09
C LYS A 820 -20.07 4.96 -0.31
N ASN A 821 -20.03 4.37 0.88
CA ASN A 821 -18.85 4.33 1.72
C ASN A 821 -17.92 3.31 1.05
N PRO A 822 -16.81 3.78 0.48
CA PRO A 822 -15.85 2.83 -0.08
C PRO A 822 -15.43 1.66 0.86
N ASN A 823 -15.29 1.91 2.17
CA ASN A 823 -14.93 0.80 3.04
C ASN A 823 -16.01 -0.31 2.99
N ASP A 824 -17.27 0.09 2.87
CA ASP A 824 -18.37 -0.89 2.87
C ASP A 824 -18.32 -1.68 1.60
N ILE A 825 -18.14 -0.97 0.48
CA ILE A 825 -18.13 -1.58 -0.83
C ILE A 825 -16.91 -2.53 -0.95
N ARG A 826 -15.74 -2.04 -0.57
CA ARG A 826 -14.54 -2.87 -0.57
C ARG A 826 -14.67 -4.10 0.36
N ALA A 827 -15.37 -3.94 1.50
CA ALA A 827 -15.51 -5.02 2.48
C ALA A 827 -16.34 -6.15 1.91
N VAL A 828 -17.41 -5.83 1.20
CA VAL A 828 -18.31 -6.86 0.73
C VAL A 828 -17.74 -7.69 -0.38
N TYR A 829 -17.01 -7.07 -1.32
CA TYR A 829 -16.64 -7.72 -2.61
C TYR A 829 -15.19 -8.21 -2.72
N LEU A 830 -14.21 -7.46 -2.23
CA LEU A 830 -12.83 -7.78 -2.54
C LEU A 830 -12.39 -9.12 -1.91
N PRO A 831 -12.81 -9.42 -0.68
CA PRO A 831 -12.32 -10.71 -0.17
C PRO A 831 -12.90 -11.86 -0.98
N PHE A 832 -14.15 -11.76 -1.36
CA PHE A 832 -14.76 -12.72 -2.22
C PHE A 832 -13.98 -12.93 -3.53
N THR A 833 -13.45 -11.87 -4.13
CA THR A 833 -12.74 -12.01 -5.38
C THR A 833 -11.45 -12.79 -5.21
N ASN A 834 -10.94 -12.96 -3.98
CA ASN A 834 -9.85 -13.91 -3.76
C ASN A 834 -10.28 -15.34 -3.52
N ASN A 835 -11.57 -15.64 -3.63
CA ASN A 835 -12.02 -17.03 -3.49
C ASN A 835 -11.76 -17.76 -4.82
N LEU A 836 -10.68 -18.55 -4.88
CA LEU A 836 -10.13 -19.07 -6.16
C LEU A 836 -11.17 -19.93 -6.87
N ARG A 837 -11.86 -20.78 -6.13
CA ARG A 837 -12.87 -21.69 -6.66
C ARG A 837 -14.16 -20.99 -7.11
N ARG A 838 -14.68 -20.10 -6.25
CA ARG A 838 -15.96 -19.45 -6.51
C ARG A 838 -15.90 -18.20 -7.39
N PHE A 839 -14.93 -17.32 -7.17
CA PHE A 839 -14.87 -16.08 -7.96
C PHE A 839 -14.61 -16.41 -9.44
N HIS A 840 -13.79 -17.44 -9.68
CA HIS A 840 -13.44 -17.92 -11.04
C HIS A 840 -14.33 -19.06 -11.54
N ASP A 841 -15.56 -19.15 -11.02
CA ASP A 841 -16.55 -20.05 -11.57
C ASP A 841 -16.56 -20.00 -13.10
N ILE A 842 -16.43 -21.16 -13.72
CA ILE A 842 -16.35 -21.31 -15.17
C ILE A 842 -17.55 -20.70 -15.91
N SER A 843 -18.68 -20.53 -15.26
CA SER A 843 -19.78 -19.75 -15.82
C SER A 843 -19.48 -18.25 -16.08
N GLY A 844 -18.48 -17.69 -15.38
CA GLY A 844 -18.19 -16.25 -15.43
C GLY A 844 -19.07 -15.36 -14.54
N LYS A 845 -19.88 -15.98 -13.70
CA LYS A 845 -20.85 -15.21 -12.91
C LYS A 845 -20.13 -14.29 -11.92
N GLY A 846 -18.94 -14.71 -11.42
CA GLY A 846 -18.10 -13.89 -10.52
C GLY A 846 -17.60 -12.70 -11.27
N TYR A 847 -17.17 -12.92 -12.51
CA TYR A 847 -16.61 -11.85 -13.30
C TYR A 847 -17.66 -10.84 -13.64
N LYS A 848 -18.84 -11.32 -14.02
CA LYS A 848 -20.02 -10.48 -14.24
C LYS A 848 -20.47 -9.64 -13.04
N LEU A 849 -20.58 -10.29 -11.89
CA LEU A 849 -20.96 -9.61 -10.65
C LEU A 849 -20.00 -8.46 -10.28
N ILE A 850 -18.69 -8.71 -10.21
CA ILE A 850 -17.74 -7.64 -9.93
C ILE A 850 -17.76 -6.57 -11.00
N ALA A 851 -17.89 -6.94 -12.28
CA ALA A 851 -17.99 -5.90 -13.35
C ALA A 851 -19.18 -4.93 -13.13
N GLU A 852 -20.33 -5.47 -12.75
CA GLU A 852 -21.56 -4.70 -12.46
C GLU A 852 -21.30 -3.74 -11.29
N VAL A 853 -20.62 -4.22 -10.24
CA VAL A 853 -20.21 -3.34 -9.14
C VAL A 853 -19.26 -2.23 -9.57
N ILE A 854 -18.32 -2.55 -10.45
CA ILE A 854 -17.36 -1.57 -10.93
C ILE A 854 -18.07 -0.41 -11.68
N THR A 855 -18.90 -0.79 -12.61
CA THR A 855 -19.70 0.13 -13.41
C THR A 855 -20.67 0.94 -12.59
N LYS A 856 -21.36 0.31 -11.65
CA LYS A 856 -22.19 1.04 -10.65
C LYS A 856 -21.37 2.07 -9.85
N THR A 857 -20.19 1.67 -9.40
CA THR A 857 -19.43 2.50 -8.50
C THR A 857 -18.81 3.64 -9.32
N ASP A 858 -18.53 3.38 -10.60
CA ASP A 858 -17.85 4.37 -11.45
C ASP A 858 -18.71 5.60 -11.69
N LYS A 859 -20.02 5.45 -11.59
CA LYS A 859 -20.89 6.60 -11.77
C LYS A 859 -20.81 7.61 -10.63
N PHE A 860 -20.29 7.22 -9.46
CA PHE A 860 -20.03 8.21 -8.39
C PHE A 860 -18.58 8.30 -7.81
N ASN A 861 -17.80 7.23 -7.92
CA ASN A 861 -16.42 7.24 -7.41
C ASN A 861 -15.55 6.48 -8.38
N PRO A 862 -15.03 7.19 -9.44
CA PRO A 862 -14.07 6.64 -10.39
C PRO A 862 -12.81 5.99 -9.75
N MET A 863 -12.28 6.51 -8.64
CA MET A 863 -11.07 5.91 -8.05
C MET A 863 -11.33 4.52 -7.47
N VAL A 864 -12.43 4.43 -6.74
CA VAL A 864 -12.81 3.21 -6.09
C VAL A 864 -13.23 2.14 -7.11
N ALA A 865 -13.91 2.55 -8.20
CA ALA A 865 -14.24 1.67 -9.32
C ALA A 865 -12.95 1.02 -9.86
N THR A 866 -11.87 1.80 -9.96
CA THR A 866 -10.67 1.21 -10.55
C THR A 866 -9.98 0.29 -9.58
N GLN A 867 -10.09 0.59 -8.28
CA GLN A 867 -9.54 -0.34 -7.28
C GLN A 867 -10.24 -1.70 -7.40
N LEU A 868 -11.56 -1.65 -7.62
CA LEU A 868 -12.39 -2.87 -7.78
C LEU A 868 -12.13 -3.69 -9.01
N CYS A 869 -11.43 -3.12 -9.99
CA CYS A 869 -10.86 -3.86 -11.12
C CYS A 869 -9.70 -4.75 -10.84
N GLU A 870 -9.11 -4.68 -9.65
CA GLU A 870 -7.89 -5.45 -9.36
C GLU A 870 -7.94 -6.94 -9.73
N PRO A 871 -9.06 -7.64 -9.45
CA PRO A 871 -9.11 -9.07 -9.86
C PRO A 871 -8.89 -9.33 -11.39
N PHE A 872 -9.18 -8.35 -12.24
CA PHE A 872 -9.01 -8.55 -13.69
C PHE A 872 -7.54 -8.43 -14.13
N LYS A 873 -6.66 -7.96 -13.25
CA LYS A 873 -5.30 -7.69 -13.62
C LYS A 873 -4.58 -8.93 -14.17
N LEU A 874 -4.97 -10.11 -13.70
CA LEU A 874 -4.38 -11.37 -14.15
C LEU A 874 -5.04 -12.06 -15.34
N TRP A 875 -5.91 -11.35 -16.07
CA TRP A 875 -6.82 -11.99 -17.11
C TRP A 875 -6.06 -12.77 -18.15
N ASN A 876 -4.96 -12.22 -18.62
CA ASN A 876 -4.21 -12.85 -19.69
C ASN A 876 -3.28 -13.97 -19.14
N LYS A 877 -3.31 -14.24 -17.84
CA LYS A 877 -2.62 -15.40 -17.28
C LYS A 877 -3.52 -16.60 -17.18
N LEU A 878 -4.84 -16.49 -17.40
CA LEU A 878 -5.75 -17.61 -17.12
C LEU A 878 -5.95 -18.56 -18.33
N ASP A 879 -6.61 -19.70 -18.09
CA ASP A 879 -6.94 -20.62 -19.20
C ASP A 879 -7.76 -19.79 -20.21
N THR A 880 -7.84 -20.24 -21.45
CA THR A 880 -8.42 -19.40 -22.52
C THR A 880 -9.94 -19.15 -22.41
N LYS A 881 -10.69 -20.06 -21.81
CA LYS A 881 -12.09 -19.75 -21.53
C LYS A 881 -12.27 -18.61 -20.49
N ARG A 882 -11.51 -18.68 -19.39
CA ARG A 882 -11.57 -17.67 -18.37
C ARG A 882 -11.05 -16.33 -18.94
N GLN A 883 -9.96 -16.33 -19.72
CA GLN A 883 -9.52 -15.11 -20.42
C GLN A 883 -10.65 -14.46 -21.21
N GLU A 884 -11.39 -15.27 -21.97
CA GLU A 884 -12.51 -14.80 -22.79
C GLU A 884 -13.63 -14.18 -21.95
N LEU A 885 -14.02 -14.84 -20.86
CA LEU A 885 -15.07 -14.27 -19.95
C LEU A 885 -14.64 -12.91 -19.33
N MET A 886 -13.41 -12.81 -18.86
CA MET A 886 -12.92 -11.59 -18.23
C MET A 886 -12.89 -10.53 -19.26
N LEU A 887 -12.37 -10.91 -20.43
CA LEU A 887 -12.21 -9.98 -21.53
C LEU A 887 -13.59 -9.47 -21.94
N ASN A 888 -14.59 -10.34 -22.02
CA ASN A 888 -15.92 -9.84 -22.37
C ASN A 888 -16.53 -8.85 -21.34
N GLU A 889 -16.28 -9.08 -20.06
CA GLU A 889 -16.74 -8.14 -19.05
C GLU A 889 -15.97 -6.85 -19.11
N MET A 890 -14.68 -6.89 -19.43
CA MET A 890 -13.90 -5.66 -19.53
C MET A 890 -14.29 -4.81 -20.70
N ASN A 891 -14.51 -5.42 -21.87
CA ASN A 891 -15.03 -4.67 -23.02
C ASN A 891 -16.45 -4.11 -22.78
N THR A 892 -17.32 -4.86 -22.13
CA THR A 892 -18.61 -4.37 -21.68
C THR A 892 -18.45 -3.15 -20.79
N MET A 893 -17.55 -3.20 -19.81
CA MET A 893 -17.39 -2.05 -18.92
C MET A 893 -16.91 -0.85 -19.71
N LEU A 894 -16.00 -1.07 -20.67
CA LEU A 894 -15.51 -0.03 -21.57
C LEU A 894 -16.60 0.58 -22.47
N GLN A 895 -17.64 -0.17 -22.76
CA GLN A 895 -18.82 0.30 -23.57
C GLN A 895 -19.80 1.17 -22.75
N GLU A 896 -19.55 1.35 -21.46
CA GLU A 896 -20.47 2.10 -20.59
C GLU A 896 -20.44 3.60 -20.97
N PRO A 897 -21.61 4.17 -21.31
CA PRO A 897 -21.57 5.59 -21.66
C PRO A 897 -21.24 6.41 -20.39
N ASN A 898 -20.45 7.49 -20.60
CA ASN A 898 -19.92 8.35 -19.54
C ASN A 898 -18.94 7.61 -18.57
N ILE A 899 -18.33 6.52 -19.01
CA ILE A 899 -17.24 5.89 -18.28
C ILE A 899 -16.20 6.94 -17.91
N SER A 900 -15.70 6.90 -16.66
CA SER A 900 -14.72 7.88 -16.22
C SER A 900 -13.43 7.74 -17.02
N ASN A 901 -12.68 8.81 -17.09
CA ASN A 901 -11.35 8.73 -17.68
C ASN A 901 -10.41 7.74 -16.93
N ASN A 902 -10.60 7.64 -15.61
CA ASN A 902 -9.85 6.74 -14.73
C ASN A 902 -10.06 5.31 -15.16
N LEU A 903 -11.33 4.92 -15.28
CA LEU A 903 -11.69 3.53 -15.54
C LEU A 903 -11.34 3.15 -16.98
N LYS A 904 -11.70 4.04 -17.91
CA LYS A 904 -11.37 3.87 -19.32
C LYS A 904 -9.86 3.75 -19.55
N GLU A 905 -9.03 4.63 -18.98
CA GLU A 905 -7.58 4.51 -19.18
C GLU A 905 -7.13 3.15 -18.67
N TYR A 906 -7.60 2.78 -17.49
CA TYR A 906 -7.19 1.55 -16.80
C TYR A 906 -7.53 0.32 -17.66
N LEU A 907 -8.80 0.23 -18.05
CA LEU A 907 -9.24 -0.89 -18.88
C LEU A 907 -8.64 -0.94 -20.29
N LEU A 908 -8.37 0.24 -20.90
CA LEU A 908 -7.71 0.27 -22.18
C LEU A 908 -6.27 -0.25 -22.07
N ARG A 909 -5.54 0.15 -21.04
CA ARG A 909 -4.17 -0.35 -20.87
C ARG A 909 -4.18 -1.83 -20.52
N LEU A 910 -5.13 -2.22 -19.68
CA LEU A 910 -5.18 -3.60 -19.23
C LEU A 910 -5.52 -4.55 -20.40
N THR A 911 -6.34 -4.12 -21.37
CA THR A 911 -6.73 -4.96 -22.52
C THR A 911 -5.85 -4.75 -23.77
N ASN A 912 -4.65 -4.19 -23.58
CA ASN A 912 -3.63 -3.96 -24.62
C ASN A 912 -4.15 -3.11 -25.76
N LYS A 913 -4.95 -2.08 -25.45
CA LYS A 913 -5.36 -1.09 -26.47
C LYS A 913 -4.58 0.25 -26.29
N LEU A 914 -3.75 0.38 -25.26
CA LEU A 914 -3.12 1.68 -24.93
C LEU A 914 -1.79 1.55 -24.15
ZN ZN B . 2.28 8.37 0.80
MG MG C . -19.65 21.84 -8.91
MG MG D . 2.55 -0.36 4.31
MG MG E . -21.71 3.92 7.21
CD1 E8G F . -4.23 9.16 -6.36
CG1 E8G F . -5.23 8.80 -5.34
C3 E8G F . -6.24 7.90 -5.67
C4 E8G F . -6.39 7.24 -7.00
C5 E8G F . -7.21 7.55 -4.75
C6 E8G F . -7.12 8.14 -3.51
CG2 E8G F . -6.12 9.03 -3.18
CB E8G F . -5.16 9.40 -4.09
CA E8G F . -4.12 10.34 -3.55
N E8G F . -3.23 9.39 -2.88
C10 E8G F . -2.90 9.17 -1.52
O E8G F . -3.15 9.85 -0.51
N2 E8G F . -2.13 8.01 -1.42
C11 E8G F . -1.67 7.44 -0.24
C12 E8G F . -1.65 5.96 -0.59
C13 E8G F . -2.83 5.20 -0.02
C14 E8G F . -2.81 3.72 -0.25
C15 E8G F . -3.09 5.53 1.46
C16 E8G F . -0.37 7.99 0.28
O2 E8G F . 0.75 7.61 -0.07
N3 E8G F . -0.59 8.88 1.27
O3 E8G F . 0.56 9.47 1.85
C1 GOL G . -17.58 -9.84 22.99
O1 GOL G . -17.17 -9.00 21.89
C2 GOL G . -16.74 -11.10 23.07
O2 GOL G . -16.39 -11.43 24.43
C3 GOL G . -17.49 -12.27 22.46
O3 GOL G . -16.69 -13.41 22.10
C1 GOL H . 0.84 3.82 2.22
O1 GOL H . 0.39 4.99 1.57
C2 GOL H . -0.02 3.57 3.44
O2 GOL H . 0.64 2.79 4.42
C3 GOL H . -0.53 4.83 4.09
O3 GOL H . 0.12 5.94 3.54
C1 GOL I . -5.95 -22.79 4.73
O1 GOL I . -5.83 -22.66 3.30
C2 GOL I . -6.76 -24.05 5.07
O2 GOL I . -8.16 -23.74 5.09
C3 GOL I . -6.51 -25.12 4.02
O3 GOL I . -6.61 -26.48 4.46
C1 GOL J . 0.08 0.67 -1.68
O1 GOL J . 0.24 1.26 -0.37
C2 GOL J . -0.81 1.38 -2.74
O2 GOL J . -0.34 0.92 -3.96
C3 GOL J . -0.75 2.89 -2.88
O3 GOL J . -2.03 3.49 -3.15
#